data_9FTQ
#
_entry.id   9FTQ
#
_cell.length_a   88.911
_cell.length_b   90.908
_cell.length_c   132.596
_cell.angle_alpha   90
_cell.angle_beta   90
_cell.angle_gamma   90
#
_symmetry.space_group_name_H-M   'P 21 21 21'
#
loop_
_entity.id
_entity.type
_entity.pdbx_description
1 polymer 'Alpha-mannosidase 2'
2 non-polymer DI(HYDROXYETHYL)ETHER
3 non-polymer 'swainsonine-configured alkyl indolizidine'
4 non-polymer 'ZINC ION'
5 water water
#
_entity_poly.entity_id   1
_entity_poly.type   'polypeptide(L)'
_entity_poly.pdbx_seq_one_letter_code
;DDPIRPPLKVARSPRPGQCQDVVQDVPNVDVQMLELYDRMSFKDIDGGVWKQGWNIKYDPLKYNAHHKLKVFVVPHSHND
PGWIQTFEEYYQHDTKHILSNALRHLHDNPEMKFIWAEISYFARFYHDLGENKKLQMKSIVKNGQLEFVTGGWVMPDEAN
SHWRNVLLQLTEGQTWLKQFMNVTPTASWAIDPFGHSPTMPYILQKSGFKNMLIQRTHYSVKKELAQQRQLEFLWRQIWD
NKGDTALFTHMMPFYSYDIPHTCGPDPKVCCQFDFKRMGSFGLSCPWKVPPRTISDQNVAARSDLLVDQWKKKAELYRTN
VLLIPLGDDFRFKQNTEWDVQRVNYERLFEHINSQAHFNVQAQFGTLQEYFDAVHQAERAGQAEFPTLSGDFFTYADRSD
NYWSGYYTSRPYHKRMDRVLMHYVRAAEMLSAWHSWDGMARIEERLEQARRELSLFQHHDGITGTAKTHVVVDYEQRMQE
ALKACQMVMQQSVYRLLTKPSIYSPDFSFSYFTLDDSRWPGSGVEDSRTTIILGEDILPSKHVVMHNTLPHWREQLVDFY
VSSPFVSVTDLANNPVEAQVSPVWSWHHDTLTKTIHPQGSTTKYRIIFKARVPPMGLATYVLTISDSKPEHTSYASNLLL
RKNPTSLPLGQYPEDVKFGDPREISLRVGNGPTLAFSEQGLLKSIQLTQDSPHVPVHFKFLKYGVRSHGDRSGAYLFLPN
GPASPVELGQPVVLVTKGKLESSVSVGLPSVVHQTIMRGGAPEIRNLVDIGSLDNTEIVMRLETHIDSGDIFYTDLNGLQ
FIKRRRLDKLPLQANYYPIPSGMFIEDANTRLTLLTGQPLGGSSLASGELEIMQDRRLASDDERGLGQGVLDNKPVLHIY
RLVLEKVNNCVRPSELHPAGYLTSAAHKASQSLLDPLDKFIFAENEWIGAQGQFGGDHPSAREDLDVSVMRRLTKSSAKT
QRVGYVLHRTNLMQCGTPEEHTQKLDVCHLLPNVARCERTTLTFLQNLEHLDGMVAPEVCPMETAAYVSSHSS
;
_entity_poly.pdbx_strand_id   A
#
# COMPACT_ATOMS: atom_id res chain seq x y z
N CYS A 19 -9.06 11.09 -26.10
CA CYS A 19 -8.04 10.45 -25.22
C CYS A 19 -6.72 11.26 -25.25
N GLN A 20 -5.74 10.89 -24.38
CA GLN A 20 -4.54 11.68 -24.04
C GLN A 20 -3.27 10.81 -23.88
N ASP A 21 -2.15 11.28 -24.46
CA ASP A 21 -0.91 10.54 -24.62
C ASP A 21 0.08 10.92 -23.52
N VAL A 22 0.76 9.88 -22.98
CA VAL A 22 1.44 9.99 -21.69
C VAL A 22 2.91 9.60 -21.81
N VAL A 23 3.44 9.56 -23.04
CA VAL A 23 4.80 9.08 -23.29
C VAL A 23 5.61 10.13 -24.06
N GLN A 24 4.99 10.70 -25.11
CA GLN A 24 5.58 11.70 -26.00
C GLN A 24 5.57 13.08 -25.32
N ASP A 25 4.39 13.47 -24.79
CA ASP A 25 4.08 14.83 -24.34
C ASP A 25 4.39 14.98 -22.85
N VAL A 26 5.60 15.49 -22.54
CA VAL A 26 6.13 15.85 -21.22
C VAL A 26 5.32 17.03 -20.65
N PRO A 27 4.78 16.95 -19.39
CA PRO A 27 3.93 18.01 -18.84
C PRO A 27 4.71 19.23 -18.33
N ASN A 28 4.16 20.42 -18.61
CA ASN A 28 4.80 21.68 -18.28
C ASN A 28 4.30 22.18 -16.92
N VAL A 29 5.14 21.91 -15.91
CA VAL A 29 4.85 22.26 -14.53
C VAL A 29 5.83 23.33 -14.05
N ASP A 30 5.33 24.18 -13.13
CA ASP A 30 6.12 25.14 -12.38
C ASP A 30 7.14 24.41 -11.50
N VAL A 31 6.69 23.40 -10.74
CA VAL A 31 7.54 22.70 -9.77
C VAL A 31 7.56 21.20 -10.07
N GLN A 32 8.58 20.78 -10.81
CA GLN A 32 8.84 19.36 -10.94
C GLN A 32 9.86 18.98 -9.88
N MET A 33 9.48 18.00 -9.05
CA MET A 33 10.17 17.69 -7.80
C MET A 33 11.53 17.04 -7.98
N LEU A 34 11.69 16.26 -9.05
CA LEU A 34 12.97 15.63 -9.39
C LEU A 34 13.99 16.70 -9.83
N GLU A 35 13.52 17.67 -10.63
CA GLU A 35 14.26 18.83 -11.11
C GLU A 35 14.79 19.62 -9.91
N LEU A 36 13.85 20.06 -9.06
CA LEU A 36 14.11 20.79 -7.83
C LEU A 36 15.13 20.06 -6.96
N TYR A 37 14.97 18.74 -6.83
CA TYR A 37 15.89 17.89 -6.11
C TYR A 37 17.31 17.99 -6.68
N ASP A 38 17.44 18.25 -7.99
CA ASP A 38 18.76 18.31 -8.60
C ASP A 38 19.46 19.63 -8.26
N ARG A 39 18.64 20.67 -8.03
CA ARG A 39 19.08 22.05 -7.91
C ARG A 39 19.32 22.48 -6.47
N MET A 40 18.67 21.82 -5.49
CA MET A 40 18.76 22.23 -4.09
C MET A 40 20.09 21.85 -3.45
N SER A 41 20.49 22.69 -2.49
CA SER A 41 21.71 22.54 -1.73
C SER A 41 21.53 21.44 -0.69
N PHE A 42 20.33 21.40 -0.07
CA PHE A 42 20.01 20.53 1.05
C PHE A 42 20.96 20.77 2.22
N LYS A 43 21.36 22.05 2.37
CA LYS A 43 22.23 22.50 3.44
C LYS A 43 21.41 22.74 4.70
N ASP A 44 21.86 22.13 5.80
CA ASP A 44 21.22 22.12 7.11
C ASP A 44 21.63 23.38 7.89
N ILE A 45 21.19 24.55 7.37
CA ILE A 45 21.52 25.88 7.87
C ILE A 45 20.60 26.24 9.04
N ASP A 46 21.24 26.51 10.18
CA ASP A 46 20.58 27.12 11.32
C ASP A 46 20.11 28.50 10.88
N GLY A 47 18.78 28.66 10.91
CA GLY A 47 18.09 29.81 10.34
C GLY A 47 17.43 30.70 11.40
N GLY A 48 17.50 30.28 12.68
CA GLY A 48 17.07 31.09 13.82
C GLY A 48 16.09 30.35 14.72
N VAL A 49 15.06 31.09 15.18
CA VAL A 49 13.98 30.52 15.97
C VAL A 49 13.14 29.58 15.10
N TRP A 50 12.91 29.96 13.83
CA TRP A 50 12.59 29.02 12.79
C TRP A 50 13.88 28.32 12.34
N LYS A 51 14.21 27.23 13.06
CA LYS A 51 15.48 26.49 12.99
C LYS A 51 15.90 26.11 11.56
N GLN A 52 14.92 25.77 10.71
CA GLN A 52 15.13 25.23 9.36
C GLN A 52 14.57 26.19 8.31
N GLY A 53 14.60 27.50 8.64
CA GLY A 53 14.20 28.53 7.71
C GLY A 53 15.08 29.78 7.82
N TRP A 54 14.41 30.92 8.03
CA TRP A 54 15.04 32.22 8.20
C TRP A 54 14.13 33.12 9.06
N ASN A 55 14.66 34.30 9.39
CA ASN A 55 13.87 35.33 10.04
C ASN A 55 12.97 35.98 9.00
N ILE A 56 11.65 35.69 9.07
CA ILE A 56 10.65 36.23 8.16
C ILE A 56 10.45 37.72 8.46
N LYS A 57 10.53 38.51 7.38
CA LYS A 57 10.27 39.94 7.38
C LYS A 57 9.02 40.24 6.56
N TYR A 58 8.08 41.01 7.13
CA TYR A 58 6.90 41.52 6.42
C TYR A 58 6.74 43.03 6.59
N ASP A 59 6.29 43.68 5.50
CA ASP A 59 5.90 45.08 5.49
C ASP A 59 4.54 45.19 6.17
N PRO A 60 4.40 45.94 7.29
CA PRO A 60 3.15 46.03 8.02
C PRO A 60 2.05 46.82 7.30
N LEU A 61 2.44 47.45 6.17
CA LEU A 61 1.58 48.35 5.41
C LEU A 61 1.02 47.61 4.19
N LYS A 62 1.33 46.30 4.12
CA LYS A 62 0.59 45.31 3.34
C LYS A 62 -0.88 45.27 3.81
N TYR A 63 -1.08 45.33 5.14
CA TYR A 63 -2.39 45.16 5.76
C TYR A 63 -2.98 46.53 6.10
N ASN A 64 -4.13 46.83 5.47
CA ASN A 64 -5.02 47.94 5.80
C ASN A 64 -6.46 47.40 5.81
N ALA A 65 -7.45 48.30 5.70
CA ALA A 65 -8.86 47.92 5.79
C ALA A 65 -9.34 47.18 4.54
N HIS A 66 -8.69 47.45 3.39
CA HIS A 66 -9.06 46.89 2.10
C HIS A 66 -8.35 45.57 1.85
N HIS A 67 -7.37 45.23 2.71
CA HIS A 67 -6.52 44.05 2.56
C HIS A 67 -6.22 43.48 3.94
N LYS A 68 -7.26 43.33 4.76
CA LYS A 68 -7.22 42.65 6.04
C LYS A 68 -6.74 41.19 5.93
N LEU A 69 -6.20 40.68 7.04
CA LEU A 69 -5.74 39.30 7.19
C LEU A 69 -6.86 38.46 7.78
N LYS A 70 -7.21 37.39 7.06
CA LYS A 70 -8.29 36.50 7.45
C LYS A 70 -7.68 35.24 8.05
N VAL A 71 -7.97 35.00 9.33
CA VAL A 71 -7.35 33.94 10.12
C VAL A 71 -8.40 32.93 10.57
N PHE A 72 -8.21 31.67 10.11
CA PHE A 72 -8.94 30.49 10.56
C PHE A 72 -8.09 29.66 11.52
N VAL A 73 -8.58 29.63 12.77
CA VAL A 73 -8.03 28.80 13.83
C VAL A 73 -8.83 27.49 13.84
N VAL A 74 -8.16 26.37 13.55
CA VAL A 74 -8.80 25.11 13.24
C VAL A 74 -8.44 24.06 14.30
N PRO A 75 -9.31 23.81 15.31
CA PRO A 75 -9.04 22.82 16.36
C PRO A 75 -9.11 21.37 15.89
N HIS A 76 -8.15 20.54 16.31
CA HIS A 76 -8.12 19.12 15.96
C HIS A 76 -7.48 18.31 17.09
N SER A 77 -7.77 16.99 17.11
CA SER A 77 -6.95 15.99 17.79
C SER A 77 -6.49 14.96 16.77
N HIS A 78 -5.19 14.70 16.81
CA HIS A 78 -4.60 13.62 16.05
C HIS A 78 -4.70 12.33 16.87
N ASN A 79 -5.41 11.36 16.28
CA ASN A 79 -5.77 10.08 16.87
C ASN A 79 -5.11 8.99 16.04
N ASP A 80 -4.25 8.20 16.69
CA ASP A 80 -3.66 7.01 16.10
C ASP A 80 -4.59 5.83 16.33
N PRO A 81 -5.14 5.20 15.26
CA PRO A 81 -5.79 3.91 15.45
C PRO A 81 -4.75 2.82 15.77
N GLY A 82 -4.02 2.99 16.88
CA GLY A 82 -3.00 2.05 17.27
C GLY A 82 -1.59 2.59 17.06
N TRP A 83 -0.77 2.49 18.13
CA TRP A 83 0.62 2.90 18.16
C TRP A 83 1.32 2.35 19.40
N ILE A 84 1.34 3.12 20.50
CA ILE A 84 1.82 2.67 21.81
C ILE A 84 0.74 1.74 22.38
N GLN A 85 -0.51 2.03 22.04
CA GLN A 85 -1.68 1.30 22.50
C GLN A 85 -2.50 0.82 21.30
N THR A 86 -3.32 -0.23 21.51
CA THR A 86 -4.16 -0.81 20.46
C THR A 86 -5.38 0.10 20.26
N PHE A 87 -6.04 -0.04 19.10
CA PHE A 87 -7.20 0.75 18.70
C PHE A 87 -8.21 0.83 19.84
N GLU A 88 -8.53 -0.34 20.44
CA GLU A 88 -9.54 -0.43 21.48
C GLU A 88 -9.02 0.13 22.80
N GLU A 89 -7.70 0.11 23.00
CA GLU A 89 -7.07 0.63 24.21
C GLU A 89 -7.20 2.15 24.17
N TYR A 90 -6.72 2.73 23.06
CA TYR A 90 -6.79 4.15 22.79
C TYR A 90 -8.24 4.63 22.87
N TYR A 91 -9.17 3.82 22.38
CA TYR A 91 -10.60 4.14 22.42
C TYR A 91 -11.09 4.37 23.85
N GLN A 92 -10.71 3.48 24.78
CA GLN A 92 -11.24 3.50 26.14
C GLN A 92 -10.57 4.62 26.92
N HIS A 93 -9.26 4.80 26.67
CA HIS A 93 -8.39 5.65 27.46
C HIS A 93 -8.51 7.10 27.01
N ASP A 94 -8.78 7.32 25.72
CA ASP A 94 -8.51 8.62 25.11
C ASP A 94 -9.69 9.11 24.29
N THR A 95 -9.98 8.39 23.19
CA THR A 95 -10.70 8.90 22.04
C THR A 95 -12.20 9.04 22.34
N LYS A 96 -12.75 8.12 23.15
CA LYS A 96 -14.17 8.19 23.52
C LYS A 96 -14.47 9.46 24.31
N HIS A 97 -13.51 9.88 25.15
CA HIS A 97 -13.59 11.09 25.94
C HIS A 97 -13.54 12.29 25.02
N ILE A 98 -12.59 12.25 24.05
CA ILE A 98 -12.34 13.31 23.08
C ILE A 98 -13.65 13.67 22.39
N LEU A 99 -14.33 12.67 21.85
CA LEU A 99 -15.51 12.91 21.05
C LEU A 99 -16.75 13.13 21.91
N SER A 100 -16.71 12.60 23.15
CA SER A 100 -17.72 12.84 24.16
C SER A 100 -17.72 14.32 24.58
N ASN A 101 -16.53 14.89 24.72
CA ASN A 101 -16.40 16.32 25.00
C ASN A 101 -16.71 17.16 23.78
N ALA A 102 -16.24 16.74 22.60
CA ALA A 102 -16.48 17.50 21.37
C ALA A 102 -17.99 17.68 21.18
N LEU A 103 -18.72 16.59 21.42
CA LEU A 103 -20.17 16.59 21.39
C LEU A 103 -20.74 17.58 22.39
N ARG A 104 -20.26 17.55 23.66
CA ARG A 104 -20.81 18.41 24.70
C ARG A 104 -20.47 19.88 24.43
N HIS A 105 -19.23 20.14 23.96
CA HIS A 105 -18.70 21.49 23.88
C HIS A 105 -19.21 22.22 22.65
N LEU A 106 -19.17 21.55 21.50
CA LEU A 106 -19.64 22.17 20.28
C LEU A 106 -21.15 22.37 20.36
N HIS A 107 -21.85 21.49 21.07
CA HIS A 107 -23.29 21.68 21.30
C HIS A 107 -23.49 23.00 22.05
N ASP A 108 -22.75 23.17 23.16
CA ASP A 108 -22.93 24.26 24.12
C ASP A 108 -22.45 25.60 23.56
N ASN A 109 -21.55 25.59 22.57
CA ASN A 109 -20.74 26.74 22.21
C ASN A 109 -20.82 27.02 20.72
N PRO A 110 -21.97 27.54 20.20
CA PRO A 110 -22.20 27.77 18.76
C PRO A 110 -21.09 28.14 17.78
N GLU A 111 -20.07 28.84 18.28
CA GLU A 111 -19.02 29.38 17.42
C GLU A 111 -17.76 28.51 17.45
N MET A 112 -17.69 27.55 18.39
CA MET A 112 -16.60 26.60 18.59
C MET A 112 -16.60 25.58 17.46
N LYS A 113 -15.41 25.27 16.92
CA LYS A 113 -15.28 24.40 15.75
C LYS A 113 -14.33 23.25 16.08
N PHE A 114 -14.45 22.14 15.32
CA PHE A 114 -13.58 20.98 15.39
C PHE A 114 -13.61 20.21 14.08
N ILE A 115 -12.43 19.81 13.61
CA ILE A 115 -12.28 18.89 12.48
C ILE A 115 -11.90 17.48 12.96
N TRP A 116 -12.38 16.46 12.24
CA TRP A 116 -12.16 15.05 12.52
C TRP A 116 -11.75 14.25 11.29
N ALA A 117 -10.79 13.32 11.48
CA ALA A 117 -10.22 12.59 10.35
C ALA A 117 -10.54 11.10 10.36
N GLU A 118 -10.50 10.44 11.52
CA GLU A 118 -10.44 8.98 11.56
C GLU A 118 -11.84 8.36 11.78
N ILE A 119 -12.41 7.76 10.73
CA ILE A 119 -13.80 7.32 10.84
C ILE A 119 -13.89 6.01 11.64
N SER A 120 -12.82 5.21 11.55
CA SER A 120 -12.61 4.04 12.42
C SER A 120 -13.03 4.34 13.86
N TYR A 121 -12.51 5.44 14.43
CA TYR A 121 -12.91 5.78 15.78
C TYR A 121 -14.31 6.37 15.82
N PHE A 122 -14.67 7.16 14.80
CA PHE A 122 -15.93 7.88 14.80
C PHE A 122 -17.10 6.90 14.85
N ALA A 123 -17.10 5.92 13.94
CA ALA A 123 -18.04 4.80 13.98
C ALA A 123 -17.99 4.06 15.33
N ARG A 124 -16.79 3.77 15.84
CA ARG A 124 -16.66 3.07 17.11
C ARG A 124 -17.44 3.81 18.21
N PHE A 125 -17.41 5.14 18.16
CA PHE A 125 -18.05 6.00 19.13
C PHE A 125 -19.55 6.06 18.86
N TYR A 126 -19.94 6.31 17.60
CA TYR A 126 -21.32 6.64 17.25
C TYR A 126 -22.28 5.48 17.51
N HIS A 127 -21.82 4.24 17.38
CA HIS A 127 -22.70 3.10 17.60
C HIS A 127 -22.94 2.86 19.09
N ASP A 128 -22.08 3.44 19.94
CA ASP A 128 -22.27 3.48 21.38
C ASP A 128 -23.29 4.55 21.81
N LEU A 129 -23.61 5.51 20.93
CA LEU A 129 -24.44 6.68 21.25
C LEU A 129 -25.89 6.31 21.48
N GLY A 130 -26.61 7.25 22.12
CA GLY A 130 -27.90 6.98 22.74
C GLY A 130 -29.02 7.81 22.12
N GLU A 131 -29.14 7.72 20.79
CA GLU A 131 -30.23 8.21 19.94
C GLU A 131 -30.29 9.73 19.99
N ASN A 132 -30.64 10.24 21.17
CA ASN A 132 -30.60 11.64 21.54
C ASN A 132 -29.24 12.24 21.16
N LYS A 133 -28.18 11.63 21.69
CA LYS A 133 -26.78 11.90 21.37
C LYS A 133 -26.49 11.83 19.86
N LYS A 134 -27.04 10.84 19.16
CA LYS A 134 -26.85 10.69 17.72
C LYS A 134 -27.47 11.87 16.95
N LEU A 135 -28.62 12.35 17.45
CA LEU A 135 -29.35 13.41 16.77
C LEU A 135 -28.62 14.72 16.97
N GLN A 136 -28.01 14.89 18.16
CA GLN A 136 -27.25 16.08 18.52
C GLN A 136 -25.93 16.12 17.76
N MET A 137 -25.34 14.94 17.59
CA MET A 137 -24.13 14.75 16.84
C MET A 137 -24.38 15.15 15.37
N LYS A 138 -25.57 14.75 14.87
CA LYS A 138 -26.08 15.11 13.56
C LYS A 138 -26.24 16.63 13.39
N SER A 139 -26.76 17.32 14.42
CA SER A 139 -26.97 18.76 14.45
C SER A 139 -25.68 19.53 14.16
N ILE A 140 -24.65 19.22 14.98
CA ILE A 140 -23.36 19.88 15.00
C ILE A 140 -22.53 19.50 13.78
N VAL A 141 -22.93 18.45 13.05
CA VAL A 141 -22.35 18.14 11.75
C VAL A 141 -23.07 18.96 10.69
N LYS A 142 -24.41 19.06 10.77
CA LYS A 142 -25.30 19.67 9.78
C LYS A 142 -24.93 21.14 9.60
N ASN A 143 -24.86 21.86 10.73
CA ASN A 143 -24.62 23.30 10.80
C ASN A 143 -23.14 23.68 10.57
N GLY A 144 -22.22 22.69 10.56
CA GLY A 144 -20.87 22.85 10.06
C GLY A 144 -19.81 23.04 11.16
N GLN A 145 -20.21 22.83 12.42
CA GLN A 145 -19.34 22.97 13.58
C GLN A 145 -18.33 21.83 13.67
N LEU A 146 -18.82 20.59 13.71
CA LEU A 146 -17.96 19.43 13.51
C LEU A 146 -17.84 19.16 12.02
N GLU A 147 -16.60 18.95 11.55
CA GLU A 147 -16.32 18.76 10.12
C GLU A 147 -15.35 17.60 9.87
N PHE A 148 -15.78 16.64 9.06
CA PHE A 148 -14.93 15.52 8.70
C PHE A 148 -13.98 15.95 7.61
N VAL A 149 -12.71 15.65 7.81
CA VAL A 149 -11.67 15.98 6.86
C VAL A 149 -11.05 14.67 6.40
N THR A 150 -10.82 14.51 5.07
CA THR A 150 -10.53 13.26 4.35
C THR A 150 -11.71 12.30 4.49
N GLY A 151 -11.94 11.81 5.72
CA GLY A 151 -13.05 10.93 6.04
C GLY A 151 -12.71 9.48 5.70
N GLY A 152 -11.40 9.19 5.66
CA GLY A 152 -10.91 7.84 5.50
C GLY A 152 -11.24 7.05 6.76
N TRP A 153 -11.26 5.73 6.61
CA TRP A 153 -11.28 4.84 7.77
C TRP A 153 -10.12 5.21 8.70
N VAL A 154 -8.96 5.49 8.10
CA VAL A 154 -7.76 5.93 8.80
C VAL A 154 -7.16 7.14 8.06
N MET A 155 -6.08 7.70 8.64
CA MET A 155 -5.13 8.57 7.95
C MET A 155 -4.00 7.66 7.46
N PRO A 156 -4.07 7.19 6.19
CA PRO A 156 -3.15 6.17 5.69
C PRO A 156 -1.70 6.59 5.51
N ASP A 157 -0.80 5.62 5.73
CA ASP A 157 0.53 5.66 5.14
C ASP A 157 0.46 5.82 3.63
N GLU A 158 1.46 6.48 3.05
CA GLU A 158 1.45 6.78 1.62
C GLU A 158 2.63 6.10 0.93
N ALA A 159 3.51 5.41 1.71
CA ALA A 159 4.74 4.83 1.18
C ALA A 159 4.60 3.36 0.81
N ASN A 160 4.09 2.56 1.75
CA ASN A 160 4.03 1.11 1.71
C ASN A 160 2.65 0.59 1.26
N SER A 161 1.63 1.45 1.34
CA SER A 161 0.23 1.10 1.08
C SER A 161 0.00 0.96 -0.41
N HIS A 162 -0.78 -0.06 -0.80
CA HIS A 162 -1.22 -0.21 -2.18
C HIS A 162 -2.41 0.72 -2.44
N TRP A 163 -2.43 1.29 -3.66
CA TRP A 163 -3.44 2.24 -4.10
C TRP A 163 -4.85 1.68 -3.96
N ARG A 164 -4.99 0.35 -4.13
CA ARG A 164 -6.27 -0.33 -3.98
C ARG A 164 -6.76 -0.22 -2.54
N ASN A 165 -5.84 -0.40 -1.58
CA ASN A 165 -6.16 -0.37 -0.16
C ASN A 165 -6.38 1.06 0.33
N VAL A 166 -5.70 2.00 -0.33
CA VAL A 166 -5.92 3.41 -0.09
C VAL A 166 -7.40 3.72 -0.42
N LEU A 167 -7.85 3.30 -1.62
CA LEU A 167 -9.24 3.41 -2.06
C LEU A 167 -10.20 2.69 -1.09
N LEU A 168 -9.79 1.50 -0.65
CA LEU A 168 -10.56 0.65 0.25
C LEU A 168 -10.89 1.41 1.55
N GLN A 169 -9.83 1.85 2.26
CA GLN A 169 -9.97 2.59 3.50
C GLN A 169 -10.84 3.85 3.34
N LEU A 170 -10.61 4.58 2.22
CA LEU A 170 -11.36 5.76 1.82
C LEU A 170 -12.86 5.45 1.74
N THR A 171 -13.17 4.41 0.96
CA THR A 171 -14.53 3.99 0.72
C THR A 171 -15.19 3.53 2.01
N GLU A 172 -14.44 2.91 2.92
CA GLU A 172 -15.03 2.38 4.15
C GLU A 172 -15.60 3.51 5.00
N GLY A 173 -14.73 4.49 5.31
CA GLY A 173 -15.04 5.75 5.98
C GLY A 173 -16.10 6.60 5.26
N GLN A 174 -15.94 6.81 3.96
CA GLN A 174 -16.77 7.80 3.27
C GLN A 174 -18.21 7.33 3.08
N THR A 175 -18.34 6.01 2.88
CA THR A 175 -19.61 5.31 2.83
C THR A 175 -20.28 5.38 4.21
N TRP A 176 -19.54 5.03 5.29
CA TRP A 176 -20.02 5.19 6.65
C TRP A 176 -20.59 6.59 6.86
N LEU A 177 -19.83 7.59 6.39
CA LEU A 177 -20.21 8.99 6.51
C LEU A 177 -21.48 9.30 5.73
N LYS A 178 -21.59 8.76 4.50
CA LYS A 178 -22.74 9.00 3.64
C LYS A 178 -23.98 8.43 4.31
N GLN A 179 -23.89 7.18 4.79
CA GLN A 179 -25.00 6.44 5.39
C GLN A 179 -25.46 7.10 6.69
N PHE A 180 -24.53 7.42 7.59
CA PHE A 180 -24.89 7.76 8.96
C PHE A 180 -24.94 9.26 9.19
N MET A 181 -24.15 10.03 8.42
CA MET A 181 -23.98 11.46 8.66
C MET A 181 -24.57 12.33 7.54
N ASN A 182 -24.86 11.72 6.39
CA ASN A 182 -25.30 12.37 5.16
C ASN A 182 -24.21 13.34 4.66
N VAL A 183 -22.92 13.02 4.88
CA VAL A 183 -21.85 13.96 4.52
C VAL A 183 -20.78 13.27 3.71
N THR A 184 -20.20 14.03 2.77
CA THR A 184 -19.09 13.59 1.95
C THR A 184 -18.00 14.66 1.89
N PRO A 185 -16.91 14.49 2.68
CA PRO A 185 -15.80 15.45 2.71
C PRO A 185 -15.11 15.59 1.36
N THR A 186 -14.70 16.83 1.11
CA THR A 186 -14.11 17.29 -0.15
C THR A 186 -12.79 18.00 0.15
N ALA A 187 -12.37 17.97 1.43
CA ALA A 187 -11.08 18.45 1.88
C ALA A 187 -10.37 17.35 2.65
N SER A 188 -9.07 17.19 2.38
CA SER A 188 -8.28 16.14 3.00
C SER A 188 -7.25 16.71 3.97
N TRP A 189 -6.82 15.86 4.92
CA TRP A 189 -6.00 16.23 6.07
C TRP A 189 -5.02 15.10 6.39
N ALA A 190 -3.75 15.34 6.08
CA ALA A 190 -2.73 14.32 6.23
C ALA A 190 -1.52 14.94 6.94
N ILE A 191 -1.56 14.83 8.26
CA ILE A 191 -0.61 15.57 9.07
C ILE A 191 0.55 14.70 9.52
N ASP A 192 0.35 13.37 9.66
CA ASP A 192 1.31 12.45 10.25
C ASP A 192 1.92 11.42 9.28
N PRO A 193 1.42 11.09 8.07
CA PRO A 193 2.18 10.29 7.11
C PRO A 193 3.64 10.73 6.93
N PHE A 194 4.56 9.77 6.77
CA PHE A 194 5.97 10.08 6.80
C PHE A 194 6.51 10.20 5.38
N GLY A 195 6.20 11.32 4.73
CA GLY A 195 6.36 11.50 3.29
C GLY A 195 4.98 11.54 2.65
N HIS A 196 4.85 12.19 1.47
CA HIS A 196 3.58 12.25 0.76
C HIS A 196 3.70 11.71 -0.66
N SER A 197 2.67 10.94 -1.07
CA SER A 197 2.56 10.31 -2.37
C SER A 197 1.50 11.00 -3.24
N PRO A 198 1.77 11.20 -4.56
CA PRO A 198 0.79 11.73 -5.52
C PRO A 198 -0.44 10.85 -5.78
N THR A 199 -0.38 9.61 -5.26
CA THR A 199 -1.47 8.65 -5.38
C THR A 199 -2.70 9.16 -4.61
N MET A 200 -2.46 9.95 -3.56
CA MET A 200 -3.48 10.61 -2.76
C MET A 200 -4.30 11.56 -3.62
N PRO A 201 -3.75 12.65 -4.22
CA PRO A 201 -4.53 13.51 -5.12
C PRO A 201 -5.16 12.77 -6.30
N TYR A 202 -4.46 11.73 -6.79
CA TYR A 202 -5.00 10.89 -7.84
C TYR A 202 -6.37 10.37 -7.42
N ILE A 203 -6.41 9.76 -6.22
CA ILE A 203 -7.57 9.08 -5.72
C ILE A 203 -8.60 10.10 -5.29
N LEU A 204 -8.13 11.15 -4.61
CA LEU A 204 -9.03 12.09 -3.95
C LEU A 204 -9.79 12.90 -5.00
N GLN A 205 -9.09 13.24 -6.10
CA GLN A 205 -9.65 14.04 -7.17
C GLN A 205 -10.69 13.22 -7.94
N LYS A 206 -10.42 11.91 -8.04
CA LYS A 206 -11.34 10.98 -8.68
C LYS A 206 -12.48 10.60 -7.73
N SER A 207 -12.49 11.18 -6.52
CA SER A 207 -13.48 10.92 -5.49
C SER A 207 -14.22 12.21 -5.12
N GLY A 208 -14.11 13.23 -5.98
CA GLY A 208 -14.85 14.48 -5.88
C GLY A 208 -14.33 15.43 -4.81
N PHE A 209 -13.09 15.22 -4.34
CA PHE A 209 -12.40 16.11 -3.41
C PHE A 209 -11.93 17.35 -4.15
N LYS A 210 -11.77 18.47 -3.40
CA LYS A 210 -11.51 19.79 -3.96
C LYS A 210 -10.11 20.28 -3.57
N ASN A 211 -9.66 19.85 -2.38
CA ASN A 211 -8.45 20.33 -1.71
C ASN A 211 -7.83 19.28 -0.77
N MET A 212 -6.51 19.35 -0.64
CA MET A 212 -5.84 18.48 0.30
C MET A 212 -4.75 19.24 1.05
N LEU A 213 -4.31 18.64 2.17
CA LEU A 213 -3.30 19.20 3.04
C LEU A 213 -2.31 18.14 3.51
N ILE A 214 -1.04 18.52 3.38
CA ILE A 214 0.08 17.68 3.76
C ILE A 214 0.97 18.45 4.74
N GLN A 215 1.79 17.70 5.51
CA GLN A 215 2.65 18.23 6.56
C GLN A 215 4.08 17.72 6.36
N ARG A 216 4.33 16.45 6.72
CA ARG A 216 5.67 15.88 6.75
C ARG A 216 6.28 15.78 5.35
N THR A 217 6.84 16.89 4.87
CA THR A 217 7.80 16.86 3.77
C THR A 217 9.16 17.27 4.32
N HIS A 218 10.21 17.07 3.51
CA HIS A 218 11.61 17.38 3.81
C HIS A 218 11.76 18.87 4.13
N TYR A 219 12.45 19.16 5.24
CA TYR A 219 12.56 20.51 5.81
C TYR A 219 13.17 21.51 4.83
N SER A 220 14.00 21.01 3.90
CA SER A 220 14.75 21.76 2.91
C SER A 220 13.86 22.15 1.74
N VAL A 221 12.92 21.25 1.41
CA VAL A 221 11.81 21.44 0.48
C VAL A 221 10.82 22.42 1.10
N LYS A 222 10.55 22.31 2.41
CA LYS A 222 9.72 23.31 3.07
C LYS A 222 10.39 24.67 2.89
N LYS A 223 11.72 24.69 3.10
CA LYS A 223 12.54 25.89 2.95
C LYS A 223 12.49 26.42 1.51
N GLU A 224 12.68 25.53 0.51
CA GLU A 224 12.86 26.03 -0.86
C GLU A 224 11.55 26.58 -1.41
N LEU A 225 10.44 25.97 -0.99
CA LEU A 225 9.11 26.26 -1.49
C LEU A 225 8.56 27.52 -0.83
N ALA A 226 8.78 27.64 0.48
CA ALA A 226 8.35 28.80 1.26
C ALA A 226 8.92 30.10 0.70
N GLN A 227 10.21 30.06 0.31
CA GLN A 227 10.93 31.16 -0.33
C GLN A 227 10.23 31.65 -1.60
N GLN A 228 9.51 30.78 -2.30
CA GLN A 228 8.98 31.04 -3.63
C GLN A 228 7.46 31.24 -3.62
N ARG A 229 6.84 31.10 -2.43
CA ARG A 229 5.40 31.16 -2.17
C ARG A 229 4.70 29.96 -2.82
N GLN A 230 5.38 28.80 -2.81
CA GLN A 230 4.92 27.61 -3.48
C GLN A 230 4.34 26.55 -2.54
N LEU A 231 3.95 26.93 -1.32
CA LEU A 231 3.46 25.94 -0.37
C LEU A 231 2.01 25.57 -0.65
N GLU A 232 1.31 26.42 -1.41
CA GLU A 232 0.05 26.08 -2.03
C GLU A 232 0.29 25.95 -3.54
N PHE A 233 -0.24 24.86 -4.13
CA PHE A 233 0.03 24.37 -5.48
C PHE A 233 -1.07 23.43 -5.98
N LEU A 234 -1.26 23.44 -7.32
CA LEU A 234 -2.10 22.49 -8.02
C LEU A 234 -1.23 21.27 -8.31
N TRP A 235 -1.48 20.18 -7.56
CA TRP A 235 -0.69 18.95 -7.60
C TRP A 235 -1.33 18.01 -8.62
N ARG A 236 -0.51 17.69 -9.64
CA ARG A 236 -0.92 16.88 -10.78
C ARG A 236 0.07 15.73 -10.94
N GLN A 237 -0.37 14.72 -11.70
CA GLN A 237 0.38 13.49 -11.89
C GLN A 237 1.48 13.70 -12.92
N ILE A 238 2.58 12.97 -12.71
CA ILE A 238 3.85 13.12 -13.42
C ILE A 238 3.75 12.91 -14.94
N TRP A 239 2.62 12.35 -15.43
CA TRP A 239 2.31 12.08 -16.83
C TRP A 239 1.31 13.08 -17.40
N ASP A 240 0.58 13.80 -16.53
CA ASP A 240 -0.61 14.58 -16.87
C ASP A 240 -0.25 15.87 -17.59
N ASN A 241 -0.30 15.80 -18.91
CA ASN A 241 -0.09 16.94 -19.78
C ASN A 241 -1.32 17.84 -19.72
N LYS A 242 -2.51 17.29 -20.03
CA LYS A 242 -3.76 18.03 -20.17
C LYS A 242 -4.06 18.85 -18.93
N GLY A 243 -3.80 18.28 -17.75
CA GLY A 243 -3.83 18.99 -16.47
C GLY A 243 -5.04 18.69 -15.59
N ASP A 244 -5.67 17.52 -15.79
CA ASP A 244 -7.01 17.28 -15.27
C ASP A 244 -6.99 16.56 -13.93
N THR A 245 -5.81 16.01 -13.56
CA THR A 245 -5.60 15.24 -12.33
C THR A 245 -5.35 16.18 -11.16
N ALA A 246 -5.19 17.48 -11.47
CA ALA A 246 -4.65 18.50 -10.58
C ALA A 246 -5.56 18.70 -9.38
N LEU A 247 -4.98 18.53 -8.18
CA LEU A 247 -5.67 18.84 -6.95
C LEU A 247 -4.91 19.91 -6.17
N PHE A 248 -5.67 20.84 -5.56
CA PHE A 248 -5.12 21.96 -4.79
C PHE A 248 -4.59 21.42 -3.46
N THR A 249 -3.33 21.77 -3.19
CA THR A 249 -2.62 21.23 -2.04
C THR A 249 -2.10 22.39 -1.18
N HIS A 250 -2.33 22.29 0.13
CA HIS A 250 -1.69 23.13 1.11
C HIS A 250 -0.63 22.31 1.86
N MET A 251 0.63 22.59 1.54
CA MET A 251 1.73 22.16 2.39
C MET A 251 1.88 23.16 3.53
N MET A 252 1.95 22.61 4.75
CA MET A 252 2.20 23.38 5.95
C MET A 252 3.70 23.54 6.10
N PRO A 253 4.22 24.68 6.62
CA PRO A 253 5.64 25.03 6.45
C PRO A 253 6.68 24.66 7.51
N PHE A 254 6.21 24.31 8.73
CA PHE A 254 7.07 24.15 9.90
C PHE A 254 7.27 22.66 10.23
N TYR A 255 8.07 22.41 11.27
CA TYR A 255 8.56 21.09 11.63
C TYR A 255 7.42 20.17 12.05
N SER A 256 6.42 20.73 12.74
CA SER A 256 5.37 19.93 13.34
C SER A 256 3.98 20.50 12.99
N TYR A 257 2.95 19.78 13.47
CA TYR A 257 1.53 20.15 13.43
C TYR A 257 1.06 20.55 14.84
N ASP A 258 1.95 20.41 15.84
CA ASP A 258 1.71 20.88 17.21
C ASP A 258 1.50 22.40 17.23
N ILE A 259 0.94 22.89 18.35
CA ILE A 259 0.63 24.31 18.49
C ILE A 259 1.93 25.11 18.37
N PRO A 260 3.04 24.82 19.10
CA PRO A 260 4.38 25.31 18.77
C PRO A 260 4.75 25.56 17.31
N HIS A 261 4.32 24.69 16.39
CA HIS A 261 4.79 24.82 15.01
C HIS A 261 3.66 25.22 14.06
N THR A 262 2.53 25.70 14.60
CA THR A 262 1.40 25.99 13.75
C THR A 262 1.03 27.47 13.73
N CYS A 263 1.38 28.22 14.77
CA CYS A 263 0.92 29.59 14.95
C CYS A 263 1.77 30.57 14.13
N GLY A 264 3.04 30.21 13.96
CA GLY A 264 3.96 30.97 13.12
C GLY A 264 5.39 30.53 13.44
N PRO A 265 6.42 31.20 12.85
CA PRO A 265 7.80 30.69 12.88
C PRO A 265 8.58 30.49 14.19
N ASP A 266 8.11 31.14 15.27
CA ASP A 266 8.81 31.16 16.54
C ASP A 266 8.10 30.25 17.55
N PRO A 267 8.65 29.02 17.78
CA PRO A 267 8.05 28.08 18.72
C PRO A 267 7.93 28.53 20.18
N LYS A 268 8.90 29.37 20.61
CA LYS A 268 9.04 29.94 21.95
C LYS A 268 7.82 30.81 22.25
N VAL A 269 7.37 31.52 21.19
CA VAL A 269 6.20 32.38 21.19
C VAL A 269 4.96 31.51 21.12
N CYS A 270 4.86 30.70 20.05
CA CYS A 270 3.72 29.87 19.68
C CYS A 270 3.30 29.01 20.85
N CYS A 271 4.28 28.56 21.63
CA CYS A 271 4.07 27.69 22.76
C CYS A 271 3.22 28.36 23.84
N GLN A 272 3.24 29.70 23.93
CA GLN A 272 2.49 30.38 24.99
C GLN A 272 0.99 30.54 24.69
N PHE A 273 0.54 30.02 23.55
CA PHE A 273 -0.85 30.08 23.08
C PHE A 273 -1.41 28.66 22.95
N ASP A 274 -0.72 27.72 23.59
CA ASP A 274 -1.16 26.36 23.81
C ASP A 274 -1.60 26.31 25.26
N PHE A 275 -2.85 26.72 25.46
CA PHE A 275 -3.38 27.02 26.78
C PHE A 275 -3.56 25.77 27.64
N LYS A 276 -3.32 24.56 27.09
CA LYS A 276 -3.31 23.33 27.89
C LYS A 276 -2.07 23.30 28.78
N ARG A 277 -1.05 24.09 28.43
CA ARG A 277 0.28 23.96 29.02
C ARG A 277 0.42 24.59 30.41
N MET A 278 -0.65 25.21 30.94
CA MET A 278 -0.62 25.76 32.29
C MET A 278 -1.37 24.80 33.24
N PHE A 281 0.23 21.45 36.44
CA PHE A 281 1.35 21.70 35.48
C PHE A 281 1.96 20.35 35.12
N GLY A 282 1.23 19.61 34.27
CA GLY A 282 1.68 18.35 33.70
C GLY A 282 2.52 18.58 32.45
N LEU A 283 1.90 19.21 31.43
CA LEU A 283 2.54 19.72 30.21
C LEU A 283 3.11 21.11 30.48
N SER A 284 4.17 21.46 29.71
CA SER A 284 5.01 22.65 29.86
C SER A 284 5.71 22.96 28.53
N CYS A 285 6.16 24.22 28.37
CA CYS A 285 6.84 24.68 27.17
C CYS A 285 8.35 24.41 27.23
N PRO A 286 8.93 23.51 26.38
CA PRO A 286 10.38 23.27 26.37
C PRO A 286 11.24 24.43 25.87
N TRP A 287 10.62 25.61 25.71
CA TRP A 287 11.32 26.86 25.49
C TRP A 287 11.32 27.72 26.77
N LYS A 288 10.97 27.07 27.90
CA LYS A 288 11.00 27.56 29.28
C LYS A 288 9.91 28.61 29.56
N VAL A 289 9.25 29.15 28.51
CA VAL A 289 8.33 30.29 28.55
C VAL A 289 6.87 29.82 28.62
N PRO A 290 6.21 29.80 29.81
CA PRO A 290 4.83 29.33 29.98
C PRO A 290 3.79 30.18 29.26
N PRO A 291 2.60 29.62 28.95
CA PRO A 291 1.42 30.39 28.56
C PRO A 291 0.89 31.09 29.80
N ARG A 292 0.09 32.12 29.52
CA ARG A 292 -0.51 32.96 30.54
C ARG A 292 -1.95 33.21 30.10
N THR A 293 -2.89 33.05 31.04
CA THR A 293 -4.30 33.38 30.85
C THR A 293 -4.37 34.78 30.25
N ILE A 294 -5.30 34.95 29.31
CA ILE A 294 -5.53 36.24 28.70
C ILE A 294 -6.60 37.01 29.53
N SER A 295 -6.31 38.29 29.78
CA SER A 295 -7.08 39.20 30.61
C SER A 295 -7.07 40.60 29.97
N ASP A 296 -7.86 41.52 30.54
CA ASP A 296 -7.81 42.92 30.14
C ASP A 296 -6.42 43.51 30.39
N GLN A 297 -5.70 42.96 31.39
CA GLN A 297 -4.35 43.35 31.81
C GLN A 297 -3.33 43.09 30.68
N ASN A 298 -3.33 41.89 30.09
CA ASN A 298 -2.27 41.49 29.16
C ASN A 298 -2.72 41.46 27.69
N VAL A 299 -4.05 41.58 27.44
CA VAL A 299 -4.66 41.25 26.16
C VAL A 299 -3.87 41.86 25.00
N ALA A 300 -3.57 43.17 25.09
CA ALA A 300 -3.13 43.97 23.95
C ALA A 300 -1.75 43.55 23.49
N ALA A 301 -0.98 43.01 24.43
CA ALA A 301 0.43 42.72 24.25
C ALA A 301 0.57 41.30 23.69
N ARG A 302 -0.22 40.39 24.28
CA ARG A 302 -0.30 39.01 23.85
C ARG A 302 -0.84 39.00 22.43
N SER A 303 -1.86 39.84 22.18
CA SER A 303 -2.49 39.98 20.88
C SER A 303 -1.47 40.41 19.84
N ASP A 304 -0.56 41.34 20.21
CA ASP A 304 0.48 41.83 19.33
C ASP A 304 1.45 40.71 19.00
N LEU A 305 1.87 39.95 20.04
CA LEU A 305 2.81 38.86 19.99
C LEU A 305 2.33 37.85 18.95
N LEU A 306 1.04 37.49 19.06
CA LEU A 306 0.35 36.51 18.24
C LEU A 306 0.15 36.99 16.81
N VAL A 307 -0.41 38.20 16.64
CA VAL A 307 -0.63 38.74 15.30
C VAL A 307 0.68 38.81 14.53
N ASP A 308 1.80 39.12 15.20
CA ASP A 308 3.11 39.14 14.56
C ASP A 308 3.51 37.75 14.02
N GLN A 309 3.11 36.68 14.72
CA GLN A 309 3.33 35.30 14.28
C GLN A 309 2.51 34.99 13.03
N TRP A 310 1.19 35.18 13.14
CA TRP A 310 0.25 34.99 12.04
C TRP A 310 0.76 35.66 10.77
N LYS A 311 1.06 36.96 10.86
CA LYS A 311 1.51 37.80 9.76
C LYS A 311 2.81 37.28 9.14
N LYS A 312 3.68 36.71 9.99
CA LYS A 312 4.93 36.08 9.56
C LYS A 312 4.61 34.85 8.73
N LYS A 313 3.75 33.98 9.27
CA LYS A 313 3.30 32.77 8.58
C LYS A 313 2.63 33.14 7.25
N ALA A 314 1.76 34.16 7.28
CA ALA A 314 0.97 34.63 6.15
C ALA A 314 1.85 35.11 5.00
N GLU A 315 3.11 35.49 5.31
CA GLU A 315 4.08 35.95 4.33
C GLU A 315 4.49 34.82 3.39
N LEU A 316 4.33 33.57 3.83
CA LEU A 316 4.72 32.38 3.09
C LEU A 316 3.63 31.91 2.12
N TYR A 317 2.45 32.57 2.15
CA TYR A 317 1.27 32.25 1.35
C TYR A 317 0.87 33.45 0.49
N ARG A 318 0.44 33.15 -0.73
CA ARG A 318 0.07 34.10 -1.77
C ARG A 318 -1.21 34.89 -1.45
N THR A 319 -1.99 34.43 -0.46
CA THR A 319 -3.18 35.16 -0.05
C THR A 319 -3.05 35.69 1.37
N ASN A 320 -3.99 36.60 1.69
CA ASN A 320 -4.23 37.21 2.97
C ASN A 320 -5.18 36.32 3.79
N VAL A 321 -5.35 35.08 3.34
CA VAL A 321 -6.04 34.03 4.07
C VAL A 321 -4.97 33.09 4.65
N LEU A 322 -5.18 32.69 5.91
CA LEU A 322 -4.18 31.99 6.70
C LEU A 322 -4.85 30.92 7.56
N LEU A 323 -4.19 29.75 7.62
CA LEU A 323 -4.71 28.59 8.32
C LEU A 323 -3.86 28.32 9.55
N ILE A 324 -4.51 28.37 10.72
CA ILE A 324 -3.84 28.13 11.97
C ILE A 324 -4.45 26.90 12.61
N PRO A 325 -3.82 25.71 12.46
CA PRO A 325 -4.22 24.52 13.22
C PRO A 325 -4.01 24.73 14.71
N LEU A 326 -4.99 24.27 15.49
CA LEU A 326 -4.87 24.25 16.94
C LEU A 326 -5.10 22.82 17.49
N GLY A 327 -4.01 22.05 17.57
CA GLY A 327 -4.04 20.89 18.45
C GLY A 327 -2.75 20.06 18.37
N ASP A 328 -2.90 18.81 18.88
CA ASP A 328 -1.86 17.82 19.08
C ASP A 328 -2.46 16.41 19.31
N ASP A 329 -1.56 15.43 19.48
CA ASP A 329 -1.80 14.03 19.82
C ASP A 329 -2.79 13.90 20.97
N PHE A 330 -3.96 13.35 20.62
CA PHE A 330 -5.04 13.01 21.53
C PHE A 330 -5.40 14.22 22.39
N ARG A 331 -5.46 15.40 21.75
CA ARG A 331 -5.88 16.62 22.41
C ARG A 331 -7.39 16.64 22.65
N PHE A 332 -7.85 17.65 23.40
CA PHE A 332 -9.24 17.92 23.69
C PHE A 332 -9.87 16.75 24.44
N LYS A 333 -9.02 16.00 25.17
CA LYS A 333 -9.42 14.88 26.00
C LYS A 333 -10.22 15.42 27.18
N GLN A 334 -9.59 16.33 27.97
CA GLN A 334 -10.18 16.93 29.15
C GLN A 334 -11.26 17.95 28.79
N ASN A 335 -12.35 17.89 29.56
CA ASN A 335 -13.38 18.91 29.66
C ASN A 335 -12.77 20.31 29.78
N THR A 336 -11.81 20.45 30.70
CA THR A 336 -11.17 21.72 31.02
C THR A 336 -10.21 22.19 29.92
N GLU A 337 -9.76 21.26 29.06
CA GLU A 337 -8.95 21.62 27.91
C GLU A 337 -9.79 22.39 26.89
N TRP A 338 -11.08 22.04 26.81
CA TRP A 338 -12.02 22.71 25.91
C TRP A 338 -12.31 24.14 26.36
N ASP A 339 -12.35 24.41 27.68
CA ASP A 339 -12.60 25.75 28.18
C ASP A 339 -11.37 26.62 27.96
N VAL A 340 -10.22 26.10 28.43
CA VAL A 340 -8.98 26.85 28.51
C VAL A 340 -8.56 27.29 27.11
N GLN A 341 -8.73 26.44 26.10
CA GLN A 341 -8.34 26.80 24.75
C GLN A 341 -9.33 27.81 24.17
N ARG A 342 -10.63 27.55 24.40
CA ARG A 342 -11.72 28.27 23.76
C ARG A 342 -11.82 29.69 24.31
N VAL A 343 -11.95 29.81 25.63
CA VAL A 343 -12.16 31.07 26.34
C VAL A 343 -11.03 32.06 26.02
N ASN A 344 -9.76 31.66 26.30
CA ASN A 344 -8.55 32.42 26.00
C ASN A 344 -8.50 32.89 24.54
N TYR A 345 -8.80 31.97 23.60
CA TYR A 345 -8.80 32.28 22.19
C TYR A 345 -9.92 33.27 21.84
N GLU A 346 -11.08 33.13 22.50
CA GLU A 346 -12.22 34.04 22.34
C GLU A 346 -11.84 35.47 22.71
N ARG A 347 -11.03 35.60 23.79
CA ARG A 347 -10.56 36.86 24.33
C ARG A 347 -9.69 37.60 23.33
N LEU A 348 -8.73 36.87 22.72
CA LEU A 348 -7.80 37.36 21.71
C LEU A 348 -8.54 37.85 20.46
N PHE A 349 -9.47 37.03 19.96
CA PHE A 349 -10.29 37.31 18.79
C PHE A 349 -11.04 38.62 19.01
N GLU A 350 -11.79 38.66 20.14
CA GLU A 350 -12.73 39.71 20.47
C GLU A 350 -12.02 41.05 20.53
N HIS A 351 -10.78 41.03 21.06
CA HIS A 351 -9.84 42.13 21.06
C HIS A 351 -9.41 42.45 19.63
N ILE A 352 -8.75 41.49 18.96
CA ILE A 352 -8.01 41.72 17.72
C ILE A 352 -8.93 42.32 16.65
N ASN A 353 -10.20 41.88 16.68
CA ASN A 353 -11.20 42.13 15.64
C ASN A 353 -11.82 43.52 15.79
N SER A 354 -11.83 44.03 17.05
CA SER A 354 -12.25 45.37 17.41
C SER A 354 -11.09 46.37 17.35
N GLN A 355 -9.86 45.86 17.19
CA GLN A 355 -8.68 46.71 17.17
C GLN A 355 -8.23 46.86 15.73
N ALA A 356 -8.86 47.84 15.07
CA ALA A 356 -8.72 48.12 13.65
C ALA A 356 -7.26 48.22 13.19
N HIS A 357 -6.33 48.64 14.07
CA HIS A 357 -4.92 48.83 13.74
C HIS A 357 -4.27 47.54 13.24
N PHE A 358 -4.76 46.41 13.75
CA PHE A 358 -4.24 45.07 13.46
C PHE A 358 -4.52 44.72 12.01
N ASN A 359 -5.75 44.97 11.54
CA ASN A 359 -6.31 44.66 10.22
C ASN A 359 -6.47 43.14 10.06
N VAL A 360 -7.12 42.51 11.05
CA VAL A 360 -7.23 41.06 11.17
C VAL A 360 -8.66 40.69 11.55
N GLN A 361 -9.21 39.75 10.75
CA GLN A 361 -10.38 38.96 11.10
C GLN A 361 -9.93 37.56 11.52
N ALA A 362 -10.19 37.23 12.78
CA ALA A 362 -9.76 35.97 13.38
C ALA A 362 -10.96 35.26 13.99
N GLN A 363 -11.05 33.95 13.72
CA GLN A 363 -12.13 33.11 14.20
C GLN A 363 -11.71 31.66 14.12
N PHE A 364 -12.34 30.88 15.02
CA PHE A 364 -12.48 29.43 14.92
C PHE A 364 -13.14 29.07 13.59
N GLY A 365 -12.43 28.21 12.86
CA GLY A 365 -12.84 27.79 11.53
C GLY A 365 -12.58 26.31 11.32
N THR A 366 -13.12 25.79 10.22
CA THR A 366 -12.84 24.43 9.76
C THR A 366 -11.94 24.50 8.53
N LEU A 367 -11.47 23.34 8.06
CA LEU A 367 -10.55 23.26 6.95
C LEU A 367 -11.24 23.65 5.65
N GLN A 368 -12.55 23.41 5.52
CA GLN A 368 -13.29 23.79 4.33
C GLN A 368 -13.37 25.32 4.28
N GLU A 369 -13.66 25.93 5.45
CA GLU A 369 -13.75 27.37 5.61
C GLU A 369 -12.47 27.99 5.11
N TYR A 370 -11.32 27.46 5.57
CA TYR A 370 -10.02 27.96 5.13
C TYR A 370 -9.94 27.88 3.61
N PHE A 371 -10.29 26.71 3.05
CA PHE A 371 -10.12 26.41 1.64
C PHE A 371 -11.03 27.30 0.77
N ASP A 372 -12.31 27.41 1.13
CA ASP A 372 -13.29 28.21 0.40
C ASP A 372 -12.83 29.67 0.33
N ALA A 373 -12.31 30.16 1.47
CA ALA A 373 -11.78 31.51 1.58
C ALA A 373 -10.58 31.71 0.65
N VAL A 374 -9.66 30.73 0.56
CA VAL A 374 -8.50 30.84 -0.34
C VAL A 374 -8.99 31.05 -1.77
N HIS A 375 -9.99 30.26 -2.19
CA HIS A 375 -10.49 30.25 -3.56
C HIS A 375 -11.25 31.53 -3.86
N GLN A 376 -12.01 32.00 -2.86
CA GLN A 376 -12.74 33.24 -2.95
C GLN A 376 -11.75 34.41 -3.11
N ALA A 377 -10.58 34.31 -2.46
CA ALA A 377 -9.50 35.27 -2.60
C ALA A 377 -8.83 35.19 -3.98
N GLU A 378 -8.83 34.01 -4.61
CA GLU A 378 -8.28 33.79 -5.95
C GLU A 378 -9.25 34.33 -7.00
N ARG A 379 -10.56 34.24 -6.71
CA ARG A 379 -11.64 34.84 -7.51
C ARG A 379 -11.43 36.35 -7.61
N ALA A 380 -10.97 36.96 -6.50
CA ALA A 380 -10.75 38.40 -6.36
C ALA A 380 -9.32 38.80 -6.76
N GLY A 381 -8.63 37.97 -7.57
CA GLY A 381 -7.40 38.32 -8.27
C GLY A 381 -6.12 38.37 -7.42
N GLN A 382 -6.19 38.08 -6.10
CA GLN A 382 -5.10 38.18 -5.12
C GLN A 382 -3.86 37.36 -5.51
N ALA A 383 -4.09 36.17 -6.07
CA ALA A 383 -3.05 35.19 -6.37
C ALA A 383 -3.42 34.34 -7.57
N GLU A 384 -2.37 33.93 -8.31
CA GLU A 384 -2.39 32.83 -9.27
C GLU A 384 -1.43 31.77 -8.72
N PHE A 385 -1.91 30.51 -8.63
CA PHE A 385 -1.25 29.41 -7.93
C PHE A 385 -0.36 28.59 -8.88
N PRO A 386 0.80 28.08 -8.42
CA PRO A 386 1.68 27.24 -9.26
C PRO A 386 1.30 25.76 -9.41
N THR A 387 1.65 25.17 -10.56
CA THR A 387 1.50 23.74 -10.83
C THR A 387 2.71 22.99 -10.26
N LEU A 388 2.45 21.82 -9.65
CA LEU A 388 3.47 20.89 -9.18
C LEU A 388 3.11 19.45 -9.56
N SER A 389 4.15 18.70 -9.97
CA SER A 389 4.16 17.26 -10.08
C SER A 389 5.40 16.72 -9.38
N GLY A 390 5.32 15.46 -8.93
CA GLY A 390 6.38 14.79 -8.21
C GLY A 390 5.88 14.26 -6.87
N ASP A 391 6.83 13.76 -6.06
CA ASP A 391 6.50 13.14 -4.79
C ASP A 391 7.29 13.73 -3.63
N PHE A 392 6.99 13.25 -2.42
CA PHE A 392 7.59 13.83 -1.24
C PHE A 392 8.28 12.73 -0.44
N PHE A 393 9.05 11.92 -1.16
CA PHE A 393 9.94 10.95 -0.56
C PHE A 393 11.36 11.32 -0.97
N THR A 394 12.37 11.03 -0.13
CA THR A 394 12.29 10.44 1.21
C THR A 394 12.40 11.57 2.24
N TYR A 395 11.43 11.57 3.17
CA TYR A 395 11.27 12.62 4.17
C TYR A 395 12.40 12.54 5.20
N ALA A 396 12.96 13.72 5.47
CA ALA A 396 13.82 13.99 6.62
C ALA A 396 13.22 15.11 7.46
N ASP A 397 13.12 14.87 8.78
CA ASP A 397 12.58 15.83 9.72
C ASP A 397 13.65 16.79 10.25
N ARG A 398 14.92 16.36 10.20
CA ARG A 398 16.05 17.08 10.78
C ARG A 398 17.34 16.47 10.25
N SER A 399 18.28 17.34 9.84
CA SER A 399 19.65 17.04 9.45
C SER A 399 19.70 15.85 8.48
N ASP A 400 20.30 14.72 8.93
CA ASP A 400 20.44 13.50 8.15
C ASP A 400 19.55 12.38 8.73
N ASN A 401 18.35 12.75 9.19
CA ASN A 401 17.35 11.82 9.67
C ASN A 401 16.27 11.62 8.58
N TYR A 402 16.61 10.77 7.61
CA TYR A 402 15.70 10.29 6.57
C TYR A 402 14.94 9.06 7.08
N TRP A 403 13.63 9.04 6.78
CA TRP A 403 12.74 7.99 7.29
C TRP A 403 12.51 6.93 6.21
N SER A 404 13.54 6.09 6.02
CA SER A 404 13.58 5.09 4.96
C SER A 404 13.68 3.68 5.54
N GLY A 405 13.83 3.60 6.86
CA GLY A 405 13.76 2.35 7.59
C GLY A 405 12.35 1.76 7.57
N TYR A 406 11.31 2.61 7.55
CA TYR A 406 9.92 2.19 7.73
C TYR A 406 9.38 1.59 6.42
N TYR A 407 10.10 1.85 5.34
CA TYR A 407 9.88 1.18 4.06
C TYR A 407 10.00 -0.34 4.21
N THR A 408 10.57 -0.80 5.35
CA THR A 408 10.99 -2.17 5.50
C THR A 408 10.49 -2.75 6.82
N SER A 409 10.40 -1.95 7.90
CA SER A 409 10.05 -2.34 9.27
C SER A 409 8.83 -3.25 9.35
N ARG A 410 8.98 -4.35 10.14
CA ARG A 410 8.05 -5.46 10.37
C ARG A 410 7.61 -6.09 9.04
N PRO A 411 8.54 -6.68 8.25
CA PRO A 411 8.23 -7.02 6.85
C PRO A 411 7.18 -8.11 6.67
N TYR A 412 7.00 -8.93 7.71
CA TYR A 412 5.99 -9.99 7.76
C TYR A 412 4.63 -9.39 7.43
N HIS A 413 4.28 -8.33 8.18
CA HIS A 413 2.98 -7.68 8.12
C HIS A 413 2.82 -6.91 6.80
N LYS A 414 3.95 -6.50 6.20
CA LYS A 414 3.99 -5.89 4.89
C LYS A 414 3.57 -6.90 3.82
N ARG A 415 4.06 -8.13 3.97
CA ARG A 415 3.68 -9.24 3.10
C ARG A 415 2.20 -9.51 3.33
N MET A 416 1.83 -9.77 4.59
CA MET A 416 0.47 -10.02 5.02
C MET A 416 -0.53 -9.03 4.40
N ASP A 417 -0.20 -7.73 4.34
CA ASP A 417 -1.02 -6.69 3.71
C ASP A 417 -1.47 -7.13 2.31
N ARG A 418 -0.50 -7.52 1.50
CA ARG A 418 -0.69 -7.86 0.09
C ARG A 418 -1.57 -9.10 -0.09
N VAL A 419 -1.31 -10.12 0.74
CA VAL A 419 -2.06 -11.37 0.78
C VAL A 419 -3.51 -11.01 1.06
N LEU A 420 -3.76 -10.21 2.12
CA LEU A 420 -5.13 -9.88 2.51
C LEU A 420 -5.79 -8.97 1.47
N MET A 421 -4.96 -8.16 0.80
CA MET A 421 -5.42 -7.24 -0.23
C MET A 421 -6.11 -8.05 -1.33
N HIS A 422 -5.45 -9.18 -1.64
CA HIS A 422 -5.87 -10.06 -2.70
C HIS A 422 -7.16 -10.79 -2.33
N TYR A 423 -7.15 -11.39 -1.12
CA TYR A 423 -8.26 -12.09 -0.48
C TYR A 423 -9.50 -11.21 -0.32
N VAL A 424 -9.35 -9.92 -0.06
CA VAL A 424 -10.48 -8.99 0.00
C VAL A 424 -11.15 -8.86 -1.38
N ARG A 425 -10.35 -8.62 -2.43
CA ARG A 425 -10.84 -8.35 -3.77
C ARG A 425 -11.61 -9.56 -4.31
N ALA A 426 -10.98 -10.73 -4.09
CA ALA A 426 -11.46 -11.98 -4.61
C ALA A 426 -12.76 -12.39 -3.93
N ALA A 427 -12.88 -12.13 -2.62
CA ALA A 427 -14.06 -12.51 -1.84
C ALA A 427 -15.26 -11.65 -2.22
N GLU A 428 -15.00 -10.36 -2.46
CA GLU A 428 -16.00 -9.39 -2.90
C GLU A 428 -16.52 -9.73 -4.29
N MET A 429 -15.60 -10.00 -5.24
CA MET A 429 -15.86 -10.42 -6.61
C MET A 429 -16.62 -11.75 -6.69
N LEU A 430 -16.17 -12.77 -5.94
CA LEU A 430 -16.71 -14.12 -6.01
C LEU A 430 -18.16 -14.14 -5.51
N SER A 431 -18.46 -13.31 -4.51
CA SER A 431 -19.80 -13.27 -3.94
C SER A 431 -20.67 -12.22 -4.65
N ALA A 432 -20.07 -11.46 -5.57
CA ALA A 432 -20.73 -10.32 -6.22
C ALA A 432 -21.79 -10.79 -7.20
N TRP A 433 -21.60 -12.02 -7.71
CA TRP A 433 -22.34 -12.50 -8.87
C TRP A 433 -23.78 -12.80 -8.50
N HIS A 434 -23.98 -13.21 -7.23
CA HIS A 434 -25.27 -13.55 -6.68
C HIS A 434 -25.62 -12.59 -5.56
N SER A 435 -26.92 -12.32 -5.47
CA SER A 435 -27.54 -11.78 -4.27
C SER A 435 -27.58 -12.92 -3.24
N TRP A 436 -27.36 -12.60 -1.95
CA TRP A 436 -27.28 -13.63 -0.92
C TRP A 436 -28.30 -13.39 0.17
N ASP A 437 -29.03 -14.46 0.54
CA ASP A 437 -29.90 -14.39 1.69
C ASP A 437 -29.09 -13.97 2.90
N GLY A 438 -29.63 -12.96 3.59
CA GLY A 438 -29.19 -12.43 4.87
C GLY A 438 -28.65 -13.46 5.87
N MET A 439 -29.26 -14.66 5.95
CA MET A 439 -28.80 -15.71 6.86
C MET A 439 -27.39 -16.19 6.54
N ALA A 440 -26.92 -15.96 5.29
CA ALA A 440 -25.60 -16.38 4.82
C ALA A 440 -24.45 -15.64 5.50
N ARG A 441 -24.72 -14.41 6.00
CA ARG A 441 -23.77 -13.54 6.71
C ARG A 441 -22.58 -13.21 5.80
N ILE A 442 -22.84 -12.88 4.53
CA ILE A 442 -21.79 -12.56 3.56
C ILE A 442 -21.35 -11.10 3.75
N GLU A 443 -22.37 -10.21 3.79
CA GLU A 443 -22.24 -8.80 4.10
C GLU A 443 -21.38 -8.65 5.35
N GLU A 444 -21.80 -9.24 6.47
CA GLU A 444 -21.11 -9.11 7.75
C GLU A 444 -19.62 -9.45 7.68
N ARG A 445 -19.27 -10.50 6.93
CA ARG A 445 -17.93 -11.02 6.81
C ARG A 445 -17.08 -10.11 5.90
N LEU A 446 -17.65 -9.67 4.77
CA LEU A 446 -16.99 -8.74 3.86
C LEU A 446 -16.70 -7.39 4.55
N GLU A 447 -17.67 -6.93 5.35
CA GLU A 447 -17.60 -5.71 6.13
C GLU A 447 -16.40 -5.78 7.04
N GLN A 448 -16.26 -6.91 7.76
CA GLN A 448 -15.18 -7.08 8.70
C GLN A 448 -13.85 -7.22 7.96
N ALA A 449 -13.83 -7.95 6.84
CA ALA A 449 -12.60 -8.18 6.10
C ALA A 449 -11.98 -6.86 5.68
N ARG A 450 -12.82 -5.95 5.15
CA ARG A 450 -12.43 -4.63 4.68
C ARG A 450 -11.91 -3.76 5.83
N ARG A 451 -12.66 -3.69 6.94
CA ARG A 451 -12.36 -2.91 8.15
C ARG A 451 -10.98 -3.23 8.70
N GLU A 452 -10.67 -4.52 8.92
CA GLU A 452 -9.41 -4.98 9.47
C GLU A 452 -8.24 -4.58 8.55
N LEU A 453 -8.41 -4.79 7.25
CA LEU A 453 -7.49 -4.33 6.21
C LEU A 453 -7.38 -2.80 6.21
N SER A 454 -8.52 -2.12 6.36
CA SER A 454 -8.55 -0.67 6.24
C SER A 454 -7.76 -0.06 7.40
N LEU A 455 -7.95 -0.64 8.59
CA LEU A 455 -7.24 -0.32 9.81
C LEU A 455 -5.72 -0.44 9.64
N PHE A 456 -5.24 -1.49 8.97
CA PHE A 456 -3.81 -1.67 8.81
C PHE A 456 -3.18 -0.67 7.84
N GLN A 457 -4.01 0.12 7.14
CA GLN A 457 -3.54 1.17 6.24
C GLN A 457 -3.00 2.38 7.02
N HIS A 458 -3.37 2.49 8.31
CA HIS A 458 -2.89 3.49 9.26
C HIS A 458 -1.37 3.57 9.26
N HIS A 459 -0.86 4.79 9.45
CA HIS A 459 0.54 5.16 9.32
C HIS A 459 1.40 4.57 10.44
N ASP A 460 0.82 3.71 11.30
CA ASP A 460 1.54 2.96 12.33
C ASP A 460 1.32 1.45 12.20
N GLY A 461 0.51 1.05 11.20
CA GLY A 461 0.20 -0.34 10.90
C GLY A 461 1.22 -0.96 9.95
N ILE A 462 0.98 -0.73 8.65
CA ILE A 462 1.76 -1.21 7.51
C ILE A 462 3.19 -0.71 7.58
N THR A 463 3.42 0.43 8.26
CA THR A 463 4.74 1.03 8.38
C THR A 463 5.62 0.15 9.26
N GLY A 464 4.99 -0.58 10.19
CA GLY A 464 5.67 -1.41 11.15
C GLY A 464 6.17 -0.58 12.33
N THR A 465 5.47 0.51 12.66
CA THR A 465 5.99 1.51 13.58
C THR A 465 5.27 1.52 14.93
N ALA A 466 4.60 0.41 15.29
CA ALA A 466 3.84 0.34 16.52
C ALA A 466 4.56 -0.54 17.54
N LYS A 467 4.05 -0.62 18.78
CA LYS A 467 4.57 -1.53 19.80
C LYS A 467 4.17 -2.97 19.46
N THR A 468 4.90 -3.93 20.05
CA THR A 468 4.76 -5.36 19.82
C THR A 468 3.30 -5.80 20.01
N HIS A 469 2.65 -5.38 21.11
CA HIS A 469 1.31 -5.89 21.41
C HIS A 469 0.25 -5.38 20.43
N VAL A 470 0.55 -4.27 19.73
CA VAL A 470 -0.33 -3.60 18.79
C VAL A 470 -0.20 -4.27 17.42
N VAL A 471 1.06 -4.59 17.02
CA VAL A 471 1.39 -5.34 15.83
C VAL A 471 0.69 -6.70 15.91
N VAL A 472 0.68 -7.28 17.12
CA VAL A 472 0.02 -8.54 17.44
C VAL A 472 -1.47 -8.41 17.18
N ASP A 473 -2.06 -7.27 17.57
CA ASP A 473 -3.48 -6.99 17.44
C ASP A 473 -3.86 -6.90 15.96
N TYR A 474 -2.98 -6.27 15.18
CA TYR A 474 -3.22 -6.08 13.77
C TYR A 474 -3.24 -7.41 13.04
N GLU A 475 -2.29 -8.29 13.44
CA GLU A 475 -2.13 -9.63 12.91
C GLU A 475 -3.44 -10.39 13.10
N GLN A 476 -3.96 -10.36 14.34
CA GLN A 476 -5.16 -11.08 14.77
C GLN A 476 -6.38 -10.60 13.99
N ARG A 477 -6.50 -9.28 13.85
CA ARG A 477 -7.48 -8.63 13.00
C ARG A 477 -7.37 -9.17 11.57
N MET A 478 -6.13 -9.17 11.02
CA MET A 478 -5.90 -9.57 9.63
C MET A 478 -6.15 -11.07 9.45
N GLN A 479 -5.81 -11.88 10.46
CA GLN A 479 -6.05 -13.32 10.48
C GLN A 479 -7.55 -13.60 10.41
N GLU A 480 -8.33 -12.88 11.22
CA GLU A 480 -9.78 -12.99 11.26
C GLU A 480 -10.38 -12.58 9.90
N ALA A 481 -9.90 -11.46 9.35
CA ALA A 481 -10.24 -11.00 8.00
C ALA A 481 -10.02 -12.08 6.94
N LEU A 482 -8.88 -12.83 7.04
CA LEU A 482 -8.56 -13.87 6.07
C LEU A 482 -9.53 -15.04 6.20
N LYS A 483 -9.71 -15.55 7.44
CA LYS A 483 -10.68 -16.56 7.84
C LYS A 483 -12.05 -16.20 7.28
N ALA A 484 -12.40 -14.91 7.33
CA ALA A 484 -13.65 -14.37 6.82
C ALA A 484 -13.69 -14.40 5.28
N CYS A 485 -12.55 -14.09 4.62
CA CYS A 485 -12.45 -14.09 3.16
C CYS A 485 -12.62 -15.50 2.57
N GLN A 486 -11.94 -16.50 3.19
CA GLN A 486 -12.04 -17.92 2.86
C GLN A 486 -13.50 -18.36 2.86
N MET A 487 -14.21 -18.08 3.96
CA MET A 487 -15.59 -18.51 4.15
C MET A 487 -16.44 -18.00 3.00
N VAL A 488 -16.33 -16.69 2.73
CA VAL A 488 -17.08 -16.05 1.67
C VAL A 488 -16.69 -16.65 0.33
N MET A 489 -15.40 -16.90 0.11
CA MET A 489 -14.92 -17.38 -1.18
C MET A 489 -15.44 -18.78 -1.52
N GLN A 490 -15.31 -19.71 -0.56
CA GLN A 490 -15.67 -21.11 -0.73
C GLN A 490 -17.18 -21.26 -0.93
N GLN A 491 -17.98 -20.54 -0.12
CA GLN A 491 -19.43 -20.58 -0.18
C GLN A 491 -19.89 -20.18 -1.59
N SER A 492 -19.20 -19.19 -2.15
CA SER A 492 -19.44 -18.59 -3.46
C SER A 492 -19.08 -19.56 -4.59
N VAL A 493 -17.90 -20.20 -4.49
CA VAL A 493 -17.40 -21.11 -5.52
C VAL A 493 -18.38 -22.29 -5.63
N TYR A 494 -18.75 -22.80 -4.44
CA TYR A 494 -19.73 -23.85 -4.30
C TYR A 494 -21.03 -23.48 -5.02
N ARG A 495 -21.47 -22.22 -4.91
CA ARG A 495 -22.70 -21.78 -5.56
C ARG A 495 -22.50 -21.66 -7.07
N LEU A 496 -21.30 -21.27 -7.48
CA LEU A 496 -21.06 -20.95 -8.88
C LEU A 496 -20.85 -22.23 -9.68
N LEU A 497 -20.47 -23.31 -8.99
CA LEU A 497 -20.04 -24.50 -9.70
C LEU A 497 -20.94 -25.72 -9.47
N THR A 498 -22.00 -25.57 -8.66
CA THR A 498 -22.97 -26.62 -8.39
C THR A 498 -24.24 -26.28 -9.18
N LYS A 499 -24.77 -27.27 -9.92
CA LYS A 499 -26.06 -27.20 -10.58
C LYS A 499 -27.11 -26.59 -9.64
N PRO A 500 -27.84 -25.53 -10.09
CA PRO A 500 -28.97 -24.95 -9.35
C PRO A 500 -29.96 -25.91 -8.71
N SER A 501 -30.20 -27.05 -9.38
CA SER A 501 -31.06 -28.14 -8.95
C SER A 501 -30.51 -28.86 -7.71
N ILE A 502 -29.18 -28.86 -7.54
CA ILE A 502 -28.51 -29.50 -6.42
C ILE A 502 -28.29 -28.47 -5.30
N TYR A 503 -27.91 -27.23 -5.67
CA TYR A 503 -27.53 -26.19 -4.72
C TYR A 503 -28.57 -26.07 -3.61
N SER A 504 -28.17 -26.54 -2.43
CA SER A 504 -28.98 -26.58 -1.24
C SER A 504 -28.05 -26.37 -0.05
N PRO A 505 -27.63 -25.11 0.23
CA PRO A 505 -26.44 -24.88 1.06
C PRO A 505 -26.67 -24.69 2.56
N ASP A 506 -25.69 -25.21 3.31
CA ASP A 506 -25.49 -24.87 4.70
C ASP A 506 -24.40 -23.81 4.75
N PHE A 507 -24.84 -22.60 5.05
CA PHE A 507 -24.01 -21.40 5.02
C PHE A 507 -22.80 -21.51 5.95
N SER A 508 -22.90 -22.34 6.99
CA SER A 508 -21.85 -22.49 8.00
C SER A 508 -20.91 -23.63 7.67
N PHE A 509 -21.14 -24.31 6.54
CA PHE A 509 -20.36 -25.49 6.23
C PHE A 509 -19.22 -25.16 5.27
N SER A 510 -18.10 -25.87 5.43
CA SER A 510 -16.93 -25.81 4.56
C SER A 510 -17.10 -26.74 3.37
N TYR A 511 -17.37 -26.16 2.21
CA TYR A 511 -17.34 -26.88 0.94
C TYR A 511 -15.89 -27.04 0.46
N PHE A 512 -15.10 -25.98 0.60
CA PHE A 512 -13.73 -25.93 0.09
C PHE A 512 -12.84 -25.23 1.11
N THR A 513 -11.56 -25.62 1.14
CA THR A 513 -10.56 -24.84 1.85
C THR A 513 -9.54 -24.35 0.83
N LEU A 514 -9.02 -23.14 1.08
CA LEU A 514 -8.01 -22.52 0.24
C LEU A 514 -6.69 -23.28 0.39
N ASP A 515 -5.92 -23.33 -0.70
CA ASP A 515 -4.52 -23.66 -0.57
C ASP A 515 -3.68 -22.48 -1.05
N ASP A 516 -2.73 -22.07 -0.21
CA ASP A 516 -1.83 -20.97 -0.52
C ASP A 516 -0.39 -21.44 -0.32
N SER A 517 0.34 -21.57 -1.44
CA SER A 517 1.75 -21.96 -1.46
C SER A 517 2.69 -20.81 -1.09
N ARG A 518 2.14 -19.60 -0.95
CA ARG A 518 2.85 -18.33 -0.90
C ARG A 518 2.63 -17.63 0.43
N TRP A 519 1.56 -18.03 1.13
CA TRP A 519 1.22 -17.45 2.42
C TRP A 519 0.70 -18.53 3.39
N PRO A 520 1.23 -18.65 4.63
CA PRO A 520 2.44 -17.93 5.08
C PRO A 520 3.72 -18.24 4.31
N GLY A 521 3.73 -19.42 3.68
CA GLY A 521 4.87 -19.94 2.97
C GLY A 521 5.45 -21.09 3.76
N SER A 522 6.05 -22.07 3.06
CA SER A 522 6.18 -23.43 3.55
C SER A 522 7.23 -23.56 4.66
N GLY A 523 8.24 -22.68 4.64
CA GLY A 523 9.20 -22.54 5.73
C GLY A 523 8.55 -21.96 6.99
N VAL A 524 7.60 -21.03 6.79
CA VAL A 524 7.03 -20.14 7.80
C VAL A 524 6.12 -20.92 8.75
N GLU A 525 5.23 -21.74 8.18
CA GLU A 525 4.22 -22.51 8.88
C GLU A 525 3.88 -23.76 8.05
N ASP A 526 3.48 -24.83 8.73
CA ASP A 526 2.96 -26.03 8.10
C ASP A 526 1.44 -25.95 8.07
N SER A 527 0.92 -25.27 7.05
CA SER A 527 -0.45 -24.76 7.03
C SER A 527 -1.28 -25.33 5.88
N ARG A 528 -0.59 -25.90 4.87
CA ARG A 528 -1.20 -26.47 3.68
C ARG A 528 -1.69 -27.90 3.97
N THR A 529 -2.94 -28.18 3.57
CA THR A 529 -3.51 -29.52 3.67
C THR A 529 -2.85 -30.44 2.64
N THR A 530 -2.57 -31.68 3.08
CA THR A 530 -2.28 -32.81 2.20
C THR A 530 -3.61 -33.44 1.76
N ILE A 531 -3.80 -33.48 0.43
CA ILE A 531 -4.84 -34.28 -0.22
C ILE A 531 -4.41 -35.73 -0.15
N ILE A 532 -5.26 -36.53 0.51
CA ILE A 532 -4.94 -37.91 0.79
C ILE A 532 -5.77 -38.80 -0.13
N LEU A 533 -5.05 -39.42 -1.07
CA LEU A 533 -5.60 -40.23 -2.14
C LEU A 533 -5.23 -41.71 -1.95
N GLY A 534 -6.08 -42.60 -2.47
CA GLY A 534 -5.83 -44.04 -2.41
C GLY A 534 -6.95 -44.85 -3.06
N GLU A 535 -6.54 -45.91 -3.78
CA GLU A 535 -7.37 -46.77 -4.63
C GLU A 535 -8.66 -47.22 -3.94
N ASP A 536 -8.55 -47.58 -2.65
CA ASP A 536 -9.68 -48.00 -1.82
C ASP A 536 -10.38 -46.80 -1.17
N ILE A 537 -9.59 -45.91 -0.56
CA ILE A 537 -10.03 -44.94 0.43
C ILE A 537 -10.64 -43.67 -0.20
N LEU A 538 -9.92 -42.98 -1.09
CA LEU A 538 -10.41 -41.81 -1.82
C LEU A 538 -9.71 -41.71 -3.19
N PRO A 539 -10.33 -42.19 -4.29
CA PRO A 539 -9.64 -42.31 -5.59
C PRO A 539 -9.28 -41.03 -6.34
N SER A 540 -10.16 -40.02 -6.27
CA SER A 540 -9.96 -38.77 -6.98
C SER A 540 -10.51 -37.56 -6.19
N LYS A 541 -10.00 -36.34 -6.53
CA LYS A 541 -10.26 -35.09 -5.82
C LYS A 541 -10.43 -33.92 -6.79
N HIS A 542 -11.56 -33.21 -6.62
CA HIS A 542 -11.89 -31.99 -7.33
C HIS A 542 -11.15 -30.79 -6.73
N VAL A 543 -10.39 -30.09 -7.57
CA VAL A 543 -9.79 -28.81 -7.24
C VAL A 543 -10.37 -27.73 -8.16
N VAL A 544 -10.46 -26.49 -7.65
CA VAL A 544 -11.00 -25.33 -8.38
C VAL A 544 -9.99 -24.19 -8.30
N MET A 545 -9.72 -23.56 -9.46
CA MET A 545 -8.95 -22.34 -9.56
C MET A 545 -9.87 -21.16 -9.89
N HIS A 546 -9.58 -20.03 -9.22
CA HIS A 546 -10.18 -18.72 -9.46
C HIS A 546 -9.17 -17.77 -10.08
N ASN A 547 -9.68 -17.00 -11.05
CA ASN A 547 -8.92 -15.99 -11.76
C ASN A 547 -9.66 -14.68 -11.58
N THR A 548 -9.10 -13.81 -10.72
CA THR A 548 -9.72 -12.54 -10.39
C THR A 548 -9.54 -11.49 -11.50
N LEU A 549 -8.47 -11.60 -12.31
CA LEU A 549 -8.17 -10.69 -13.41
C LEU A 549 -9.17 -10.89 -14.53
N PRO A 550 -9.59 -9.84 -15.28
CA PRO A 550 -10.55 -10.02 -16.38
C PRO A 550 -9.92 -10.40 -17.72
N HIS A 551 -8.96 -11.34 -17.69
CA HIS A 551 -8.51 -11.99 -18.91
C HIS A 551 -8.35 -13.51 -18.70
N TRP A 552 -8.21 -14.25 -19.80
CA TRP A 552 -7.74 -15.62 -19.75
C TRP A 552 -6.31 -15.65 -19.21
N ARG A 553 -6.11 -16.43 -18.15
CA ARG A 553 -4.82 -16.66 -17.54
C ARG A 553 -4.58 -18.16 -17.47
N GLU A 554 -3.36 -18.53 -17.87
CA GLU A 554 -2.72 -19.80 -17.62
C GLU A 554 -1.68 -19.59 -16.52
N GLN A 555 -1.60 -20.50 -15.55
CA GLN A 555 -0.64 -20.41 -14.45
C GLN A 555 -0.40 -21.80 -13.87
N LEU A 556 0.88 -22.11 -13.57
CA LEU A 556 1.25 -23.27 -12.76
C LEU A 556 0.69 -23.16 -11.34
N VAL A 557 0.06 -24.25 -10.87
CA VAL A 557 -0.49 -24.38 -9.53
C VAL A 557 0.11 -25.66 -8.94
N ASP A 558 0.27 -25.70 -7.62
CA ASP A 558 0.74 -26.91 -6.95
C ASP A 558 -0.29 -27.32 -5.90
N PHE A 559 -0.32 -28.63 -5.60
CA PHE A 559 -1.01 -29.15 -4.43
C PHE A 559 -0.18 -30.24 -3.75
N TYR A 560 -0.39 -30.37 -2.43
CA TYR A 560 0.15 -31.46 -1.62
C TYR A 560 -0.75 -32.68 -1.78
N VAL A 561 -0.13 -33.80 -2.22
CA VAL A 561 -0.75 -35.12 -2.45
C VAL A 561 0.06 -36.21 -1.74
N SER A 562 -0.66 -37.28 -1.36
CA SER A 562 -0.12 -38.33 -0.50
C SER A 562 0.62 -39.43 -1.27
N SER A 563 0.71 -39.29 -2.62
CA SER A 563 1.34 -40.26 -3.53
C SER A 563 1.96 -39.54 -4.72
N PRO A 564 3.09 -40.02 -5.30
CA PRO A 564 3.62 -39.45 -6.55
C PRO A 564 2.81 -39.78 -7.80
N PHE A 565 2.07 -40.89 -7.75
CA PHE A 565 1.34 -41.47 -8.88
C PHE A 565 -0.04 -40.84 -8.93
N VAL A 566 -0.07 -39.62 -9.48
CA VAL A 566 -1.27 -38.80 -9.57
C VAL A 566 -1.30 -38.18 -10.97
N SER A 567 -2.48 -38.23 -11.60
CA SER A 567 -2.71 -37.68 -12.92
C SER A 567 -3.80 -36.61 -12.87
N VAL A 568 -3.68 -35.64 -13.77
CA VAL A 568 -4.55 -34.48 -13.75
C VAL A 568 -5.41 -34.57 -14.99
N THR A 569 -6.73 -34.47 -14.78
CA THR A 569 -7.66 -34.28 -15.88
C THR A 569 -8.50 -33.07 -15.55
N ASP A 570 -9.07 -32.44 -16.58
CA ASP A 570 -10.21 -31.53 -16.47
C ASP A 570 -11.49 -32.34 -16.22
N LEU A 571 -12.63 -31.63 -16.02
CA LEU A 571 -13.90 -32.28 -15.70
C LEU A 571 -14.46 -32.94 -16.96
N ALA A 572 -14.09 -32.40 -18.13
CA ALA A 572 -14.29 -32.98 -19.46
C ALA A 572 -13.43 -34.23 -19.68
N ASN A 573 -12.69 -34.64 -18.64
CA ASN A 573 -12.03 -35.93 -18.46
C ASN A 573 -10.83 -36.09 -19.40
N ASN A 574 -10.33 -34.96 -19.91
CA ASN A 574 -9.21 -34.87 -20.84
C ASN A 574 -7.93 -34.65 -20.06
N PRO A 575 -6.82 -35.39 -20.38
CA PRO A 575 -5.67 -35.47 -19.47
C PRO A 575 -4.92 -34.14 -19.51
N VAL A 576 -4.16 -33.87 -18.46
CA VAL A 576 -3.50 -32.58 -18.26
C VAL A 576 -2.09 -32.87 -17.76
N GLU A 577 -1.11 -32.22 -18.42
CA GLU A 577 0.32 -32.43 -18.24
C GLU A 577 0.68 -31.98 -16.83
N ALA A 578 1.31 -32.89 -16.07
CA ALA A 578 1.64 -32.67 -14.68
C ALA A 578 3.11 -32.97 -14.41
N GLN A 579 3.64 -32.31 -13.36
CA GLN A 579 4.94 -32.59 -12.78
C GLN A 579 4.78 -32.83 -11.28
N VAL A 580 5.39 -33.94 -10.82
CA VAL A 580 5.54 -34.21 -9.40
C VAL A 580 6.98 -33.91 -8.97
N SER A 581 7.10 -33.05 -7.97
CA SER A 581 8.33 -32.72 -7.26
C SER A 581 8.15 -33.16 -5.81
N PRO A 582 9.23 -33.47 -5.04
CA PRO A 582 9.08 -33.77 -3.60
C PRO A 582 8.74 -32.54 -2.76
N VAL A 583 8.52 -32.76 -1.46
CA VAL A 583 8.29 -31.66 -0.52
C VAL A 583 9.55 -31.43 0.31
N TRP A 584 10.28 -30.36 -0.03
CA TRP A 584 11.52 -29.97 0.64
C TRP A 584 11.23 -29.08 1.86
N SER A 585 11.99 -29.31 2.93
CA SER A 585 11.88 -28.58 4.19
C SER A 585 13.26 -28.39 4.79
N TRP A 586 13.75 -27.14 4.76
CA TRP A 586 15.08 -26.80 5.26
C TRP A 586 15.11 -26.79 6.79
N HIS A 587 16.10 -27.50 7.35
CA HIS A 587 16.42 -27.68 8.76
C HIS A 587 17.74 -26.94 9.02
N HIS A 588 17.96 -26.58 10.28
CA HIS A 588 19.24 -26.03 10.74
C HIS A 588 19.75 -26.93 11.86
N ASP A 589 20.80 -27.70 11.57
CA ASP A 589 21.50 -28.44 12.61
C ASP A 589 22.37 -27.44 13.37
N THR A 590 21.95 -27.12 14.61
CA THR A 590 22.71 -26.37 15.60
C THR A 590 23.99 -27.12 15.94
N LEU A 591 23.87 -28.47 15.91
CA LEU A 591 24.92 -29.48 15.94
C LEU A 591 26.15 -29.06 15.13
N THR A 592 25.95 -28.56 13.88
CA THR A 592 27.02 -28.27 12.93
C THR A 592 27.10 -26.79 12.55
N LYS A 593 26.02 -26.02 12.78
CA LYS A 593 25.75 -24.70 12.20
C LYS A 593 25.68 -24.82 10.67
N THR A 594 24.79 -25.73 10.20
CA THR A 594 24.62 -26.13 8.82
C THR A 594 23.16 -25.96 8.39
N ILE A 595 22.95 -25.52 7.12
CA ILE A 595 21.62 -25.34 6.54
C ILE A 595 21.40 -26.41 5.46
N HIS A 596 20.82 -27.52 5.95
CA HIS A 596 20.57 -28.76 5.23
C HIS A 596 19.09 -28.75 4.80
N PRO A 597 18.73 -29.14 3.55
CA PRO A 597 17.34 -29.50 3.22
C PRO A 597 16.99 -30.94 3.57
N GLN A 598 15.71 -31.18 3.87
CA GLN A 598 15.18 -32.52 4.08
C GLN A 598 14.01 -32.77 3.13
N GLY A 599 14.01 -33.96 2.53
CA GLY A 599 12.90 -34.46 1.74
C GLY A 599 11.78 -34.98 2.64
N SER A 600 10.53 -34.89 2.15
CA SER A 600 9.43 -35.66 2.71
C SER A 600 9.34 -36.99 1.99
N THR A 601 9.03 -38.02 2.78
CA THR A 601 8.83 -39.41 2.35
C THR A 601 7.34 -39.69 2.24
N THR A 602 6.49 -38.77 2.74
CA THR A 602 5.06 -39.05 2.90
C THR A 602 4.16 -38.10 2.09
N LYS A 603 4.72 -37.05 1.44
CA LYS A 603 3.91 -36.08 0.69
C LYS A 603 4.74 -35.41 -0.41
N TYR A 604 4.02 -35.01 -1.48
CA TYR A 604 4.59 -34.63 -2.77
C TYR A 604 3.82 -33.46 -3.36
N ARG A 605 4.45 -32.75 -4.30
CA ARG A 605 3.85 -31.62 -5.00
C ARG A 605 3.55 -32.00 -6.44
N ILE A 606 2.27 -31.87 -6.79
CA ILE A 606 1.77 -32.03 -8.15
C ILE A 606 1.61 -30.63 -8.72
N ILE A 607 2.19 -30.41 -9.90
CA ILE A 607 2.26 -29.12 -10.56
C ILE A 607 1.66 -29.25 -11.94
N PHE A 608 0.72 -28.38 -12.29
CA PHE A 608 0.14 -28.34 -13.63
C PHE A 608 -0.33 -26.93 -13.97
N LYS A 609 -0.41 -26.66 -15.28
CA LYS A 609 -0.85 -25.37 -15.77
C LYS A 609 -2.37 -25.38 -15.74
N ALA A 610 -2.96 -24.38 -15.07
CA ALA A 610 -4.41 -24.23 -15.04
C ALA A 610 -4.79 -23.12 -16.01
N ARG A 611 -5.81 -23.37 -16.86
CA ARG A 611 -6.39 -22.37 -17.75
C ARG A 611 -7.74 -21.92 -17.17
N VAL A 612 -7.89 -20.62 -16.87
CA VAL A 612 -9.01 -20.14 -16.07
C VAL A 612 -9.64 -18.95 -16.78
N PRO A 613 -11.00 -18.88 -16.96
CA PRO A 613 -11.65 -17.80 -17.71
C PRO A 613 -11.44 -16.40 -17.12
N PRO A 614 -11.67 -15.31 -17.90
CA PRO A 614 -11.72 -13.97 -17.33
C PRO A 614 -12.79 -13.98 -16.24
N MET A 615 -12.32 -13.68 -15.01
CA MET A 615 -13.10 -13.46 -13.78
C MET A 615 -13.90 -14.72 -13.43
N GLY A 616 -13.28 -15.86 -13.75
CA GLY A 616 -13.93 -17.16 -13.85
C GLY A 616 -13.29 -18.28 -13.01
N LEU A 617 -13.90 -19.47 -13.11
CA LEU A 617 -13.54 -20.66 -12.37
C LEU A 617 -13.28 -21.75 -13.39
N ALA A 618 -12.32 -22.62 -13.06
CA ALA A 618 -12.03 -23.83 -13.77
C ALA A 618 -11.76 -24.96 -12.76
N THR A 619 -12.53 -26.06 -12.87
CA THR A 619 -12.39 -27.26 -12.04
C THR A 619 -11.36 -28.23 -12.64
N TYR A 620 -10.67 -28.98 -11.77
CA TYR A 620 -9.73 -30.02 -12.18
C TYR A 620 -9.82 -31.23 -11.23
N VAL A 621 -9.32 -32.38 -11.72
CA VAL A 621 -9.42 -33.64 -10.99
C VAL A 621 -8.02 -34.24 -10.93
N LEU A 622 -7.62 -34.50 -9.68
CA LEU A 622 -6.47 -35.30 -9.32
C LEU A 622 -6.95 -36.71 -8.98
N THR A 623 -6.49 -37.71 -9.76
CA THR A 623 -6.76 -39.12 -9.54
C THR A 623 -5.43 -39.85 -9.35
N ILE A 624 -5.44 -40.81 -8.41
CA ILE A 624 -4.31 -41.70 -8.12
C ILE A 624 -4.34 -42.90 -9.07
N SER A 625 -3.16 -43.49 -9.35
CA SER A 625 -3.05 -44.85 -9.85
C SER A 625 -2.02 -45.65 -9.03
N ASP A 626 -1.76 -46.90 -9.47
CA ASP A 626 -0.82 -47.80 -8.81
C ASP A 626 0.61 -47.57 -9.33
N SER A 627 0.74 -46.87 -10.48
CA SER A 627 2.05 -46.50 -11.03
C SER A 627 1.99 -45.20 -11.83
N LYS A 628 3.19 -44.72 -12.22
CA LYS A 628 3.47 -43.57 -13.09
C LYS A 628 2.37 -43.41 -14.15
N PRO A 629 1.61 -42.29 -14.16
CA PRO A 629 0.72 -41.96 -15.29
C PRO A 629 1.48 -41.61 -16.57
N GLU A 630 0.76 -41.64 -17.70
CA GLU A 630 1.30 -41.34 -19.02
C GLU A 630 1.82 -39.89 -19.07
N HIS A 631 1.02 -38.97 -18.48
CA HIS A 631 1.12 -37.52 -18.62
C HIS A 631 1.67 -36.81 -17.37
N THR A 632 2.17 -37.59 -16.41
CA THR A 632 2.78 -37.05 -15.19
C THR A 632 4.28 -37.34 -15.24
N SER A 633 5.09 -36.26 -15.39
CA SER A 633 6.55 -36.28 -15.35
C SER A 633 7.06 -36.13 -13.92
N TYR A 634 8.26 -36.67 -13.65
CA TYR A 634 8.94 -36.55 -12.36
C TYR A 634 10.12 -35.61 -12.54
N ALA A 635 10.43 -34.89 -11.46
CA ALA A 635 11.58 -34.01 -11.39
C ALA A 635 12.75 -34.76 -10.73
N SER A 636 13.93 -34.56 -11.31
CA SER A 636 15.20 -34.99 -10.72
C SER A 636 15.66 -33.95 -9.69
N ASN A 637 16.47 -34.42 -8.73
CA ASN A 637 16.85 -33.67 -7.54
C ASN A 637 18.34 -33.86 -7.31
N LEU A 638 19.11 -32.80 -7.57
CA LEU A 638 20.56 -32.73 -7.36
C LEU A 638 20.85 -31.86 -6.14
N LEU A 639 21.58 -32.45 -5.18
CA LEU A 639 21.92 -31.82 -3.90
C LEU A 639 23.44 -31.67 -3.81
N LEU A 640 23.95 -30.55 -4.35
CA LEU A 640 25.36 -30.18 -4.34
C LEU A 640 25.81 -29.85 -2.91
N ARG A 641 26.67 -30.71 -2.34
CA ARG A 641 27.39 -30.45 -1.09
C ARG A 641 28.71 -31.24 -1.06
N LYS A 642 29.70 -30.72 -0.31
CA LYS A 642 30.92 -31.43 0.06
C LYS A 642 30.64 -32.23 1.35
N ASN A 643 30.56 -33.57 1.20
CA ASN A 643 30.22 -34.56 2.22
C ASN A 643 28.69 -34.65 2.38
N PRO A 644 27.98 -35.53 1.61
CA PRO A 644 26.54 -35.77 1.81
C PRO A 644 26.10 -36.92 2.72
N THR A 645 24.90 -36.78 3.32
CA THR A 645 24.08 -37.88 3.83
C THR A 645 23.07 -38.25 2.73
N SER A 646 23.00 -39.54 2.38
CA SER A 646 22.03 -40.03 1.41
C SER A 646 20.61 -40.00 1.96
N LEU A 647 19.66 -39.58 1.10
CA LEU A 647 18.41 -38.89 1.45
C LEU A 647 17.17 -39.60 0.88
N PRO A 648 16.32 -40.27 1.73
CA PRO A 648 15.14 -41.00 1.26
C PRO A 648 13.94 -40.11 0.91
N LEU A 649 13.26 -40.45 -0.19
CA LEU A 649 12.08 -39.72 -0.66
C LEU A 649 10.84 -40.63 -0.70
N GLY A 650 10.95 -41.82 -0.09
CA GLY A 650 9.93 -42.87 -0.13
C GLY A 650 9.62 -43.31 -1.56
N GLN A 651 8.33 -43.28 -1.90
CA GLN A 651 7.74 -43.78 -3.14
C GLN A 651 8.10 -42.90 -4.35
N TYR A 652 8.73 -41.74 -4.11
CA TYR A 652 9.21 -40.84 -5.15
C TYR A 652 10.07 -41.66 -6.12
N PRO A 653 9.69 -41.70 -7.43
CA PRO A 653 10.44 -42.45 -8.46
C PRO A 653 11.95 -42.30 -8.58
N GLU A 654 12.45 -41.04 -8.67
CA GLU A 654 13.86 -40.76 -8.91
C GLU A 654 14.55 -40.55 -7.57
N ASP A 655 15.68 -41.25 -7.40
CA ASP A 655 16.54 -41.11 -6.22
C ASP A 655 17.33 -39.82 -6.35
N VAL A 656 17.67 -39.22 -5.19
CA VAL A 656 18.47 -38.02 -5.09
C VAL A 656 19.88 -38.33 -5.62
N LYS A 657 20.31 -37.55 -6.62
CA LYS A 657 21.69 -37.52 -7.12
C LYS A 657 22.50 -36.52 -6.28
N PHE A 658 23.76 -36.88 -5.97
CA PHE A 658 24.67 -36.07 -5.15
C PHE A 658 25.87 -35.66 -5.99
N GLY A 659 26.59 -34.62 -5.52
CA GLY A 659 27.73 -34.07 -6.23
C GLY A 659 28.45 -32.99 -5.42
N ASP A 660 29.67 -32.67 -5.89
CA ASP A 660 30.44 -31.54 -5.38
C ASP A 660 29.89 -30.25 -6.00
N PRO A 661 29.91 -29.10 -5.27
CA PRO A 661 29.42 -27.81 -5.80
C PRO A 661 29.92 -27.40 -7.18
N ARG A 662 28.97 -27.12 -8.08
CA ARG A 662 29.26 -26.80 -9.46
C ARG A 662 28.44 -25.58 -9.89
N GLU A 663 28.95 -24.90 -10.91
CA GLU A 663 28.17 -23.94 -11.69
C GLU A 663 27.11 -24.69 -12.50
N ILE A 664 25.93 -24.05 -12.63
CA ILE A 664 24.68 -24.62 -13.12
C ILE A 664 24.15 -23.77 -14.28
N SER A 665 23.43 -24.40 -15.21
CA SER A 665 22.73 -23.71 -16.29
C SER A 665 21.48 -24.52 -16.66
N LEU A 666 20.33 -24.03 -16.18
CA LEU A 666 19.01 -24.61 -16.39
C LEU A 666 18.22 -23.78 -17.39
N ARG A 667 17.35 -24.47 -18.14
CA ARG A 667 16.27 -23.87 -18.91
C ARG A 667 14.98 -24.57 -18.52
N VAL A 668 13.83 -23.95 -18.84
CA VAL A 668 12.50 -24.53 -18.75
C VAL A 668 11.70 -23.92 -19.90
N GLY A 669 11.07 -24.78 -20.73
CA GLY A 669 10.36 -24.37 -21.94
C GLY A 669 11.34 -23.72 -22.93
N ASN A 670 10.86 -22.69 -23.63
CA ASN A 670 11.72 -21.83 -24.43
C ASN A 670 12.22 -20.65 -23.58
N GLY A 671 11.49 -20.35 -22.51
CA GLY A 671 11.74 -19.24 -21.61
C GLY A 671 13.11 -19.35 -20.94
N PRO A 672 13.71 -18.21 -20.50
CA PRO A 672 15.16 -18.02 -20.50
C PRO A 672 16.08 -19.06 -19.87
N THR A 673 17.34 -19.04 -20.34
CA THR A 673 18.40 -19.89 -19.84
C THR A 673 19.17 -19.09 -18.81
N LEU A 674 19.11 -19.57 -17.57
CA LEU A 674 19.66 -18.89 -16.43
C LEU A 674 20.89 -19.67 -15.98
N ALA A 675 22.02 -18.97 -15.84
CA ALA A 675 23.23 -19.52 -15.24
C ALA A 675 23.36 -19.07 -13.79
N PHE A 676 23.81 -20.00 -12.95
CA PHE A 676 23.93 -19.86 -11.50
C PHE A 676 25.38 -20.12 -11.10
N SER A 677 25.88 -19.30 -10.16
CA SER A 677 27.15 -19.54 -9.51
C SER A 677 27.08 -20.81 -8.65
N GLU A 678 28.22 -21.18 -8.04
CA GLU A 678 28.44 -22.50 -7.47
C GLU A 678 27.91 -22.63 -6.04
N GLN A 679 27.25 -21.56 -5.57
CA GLN A 679 26.54 -21.55 -4.29
C GLN A 679 25.13 -20.99 -4.52
N GLY A 680 24.63 -21.21 -5.74
CA GLY A 680 23.22 -21.20 -6.07
C GLY A 680 22.64 -19.79 -6.10
N LEU A 681 23.38 -18.86 -6.73
CA LEU A 681 22.95 -17.48 -6.83
C LEU A 681 23.04 -17.08 -8.29
N LEU A 682 21.90 -16.67 -8.87
CA LEU A 682 21.81 -16.40 -10.31
C LEU A 682 23.00 -15.53 -10.73
N LYS A 683 23.75 -15.97 -11.76
CA LYS A 683 25.00 -15.36 -12.22
C LYS A 683 24.88 -14.77 -13.63
N SER A 684 23.92 -15.22 -14.45
CA SER A 684 23.57 -14.60 -15.74
C SER A 684 22.21 -15.09 -16.25
N ILE A 685 21.67 -14.32 -17.21
CA ILE A 685 20.42 -14.57 -17.92
C ILE A 685 20.72 -14.56 -19.43
N GLN A 686 20.29 -15.61 -20.13
CA GLN A 686 20.28 -15.65 -21.59
C GLN A 686 18.82 -15.76 -22.02
N LEU A 687 18.39 -14.77 -22.79
CA LEU A 687 17.01 -14.65 -23.20
C LEU A 687 16.66 -15.67 -24.28
N THR A 688 17.06 -15.41 -25.53
CA THR A 688 16.81 -16.28 -26.67
C THR A 688 17.93 -17.32 -26.77
N GLN A 689 18.13 -17.87 -27.98
CA GLN A 689 19.17 -18.85 -28.25
C GLN A 689 20.23 -18.26 -29.18
N ASP A 690 20.11 -16.95 -29.43
CA ASP A 690 21.06 -16.08 -30.12
C ASP A 690 21.69 -15.09 -29.14
N SER A 691 20.87 -14.55 -28.21
CA SER A 691 21.20 -13.46 -27.28
C SER A 691 22.37 -13.85 -26.38
N PRO A 692 23.23 -12.89 -25.91
CA PRO A 692 24.32 -13.21 -24.98
C PRO A 692 23.87 -13.66 -23.57
N HIS A 693 24.76 -14.40 -22.89
CA HIS A 693 24.61 -14.71 -21.46
C HIS A 693 24.85 -13.42 -20.69
N VAL A 694 23.78 -12.59 -20.61
CA VAL A 694 23.76 -11.24 -20.06
C VAL A 694 23.95 -11.36 -18.54
N PRO A 695 25.02 -10.80 -17.92
CA PRO A 695 25.34 -11.13 -16.52
C PRO A 695 24.48 -10.36 -15.52
N VAL A 696 24.07 -11.05 -14.43
CA VAL A 696 23.18 -10.59 -13.36
C VAL A 696 23.59 -11.32 -12.07
N HIS A 697 24.30 -10.63 -11.17
CA HIS A 697 24.87 -11.20 -9.96
C HIS A 697 24.00 -10.82 -8.74
N PHE A 698 23.27 -11.81 -8.20
CA PHE A 698 22.63 -11.75 -6.89
C PHE A 698 23.74 -11.82 -5.84
N LYS A 699 23.70 -10.87 -4.89
CA LYS A 699 24.57 -10.86 -3.72
C LYS A 699 23.72 -10.55 -2.48
N PHE A 700 24.18 -11.02 -1.32
CA PHE A 700 23.62 -10.65 -0.03
C PHE A 700 24.64 -9.85 0.79
N LEU A 701 24.20 -8.69 1.28
CA LEU A 701 25.03 -7.76 2.02
C LEU A 701 24.31 -7.36 3.32
N LYS A 702 25.10 -7.01 4.35
CA LYS A 702 24.61 -6.56 5.65
C LYS A 702 24.99 -5.09 5.90
N TYR A 703 24.03 -4.32 6.45
CA TYR A 703 24.20 -2.97 6.98
C TYR A 703 24.17 -3.03 8.52
N GLY A 704 24.63 -1.94 9.18
CA GLY A 704 24.64 -1.79 10.62
C GLY A 704 24.20 -0.39 11.09
N VAL A 705 24.35 -0.15 12.40
CA VAL A 705 23.95 1.06 13.10
C VAL A 705 25.22 1.85 13.44
N ARG A 706 25.11 3.19 13.37
CA ARG A 706 26.12 4.16 13.81
C ARG A 706 26.31 4.10 15.34
N SER A 707 27.52 4.48 15.78
CA SER A 707 27.94 4.56 17.17
C SER A 707 28.25 5.99 17.60
N HIS A 708 28.35 6.90 16.60
CA HIS A 708 28.86 8.26 16.63
C HIS A 708 28.23 9.10 17.76
N SER A 712 19.25 5.08 14.72
CA SER A 712 18.68 4.12 13.73
C SER A 712 17.72 3.16 14.44
N GLY A 713 16.49 3.05 13.90
CA GLY A 713 15.38 2.35 14.57
C GLY A 713 14.20 1.99 13.65
N ALA A 714 12.99 1.95 14.21
CA ALA A 714 11.78 1.55 13.51
C ALA A 714 11.43 2.50 12.33
N TYR A 715 11.83 3.78 12.41
CA TYR A 715 11.55 4.75 11.35
C TYR A 715 12.82 5.12 10.58
N LEU A 716 13.93 5.37 11.30
CA LEU A 716 15.11 5.96 10.68
C LEU A 716 16.05 4.86 10.20
N PHE A 717 16.46 4.99 8.93
CA PHE A 717 17.56 4.23 8.36
C PHE A 717 18.84 5.05 8.55
N LEU A 718 19.67 4.63 9.51
CA LEU A 718 20.96 5.25 9.81
C LEU A 718 22.06 4.20 9.65
N PRO A 719 22.66 4.07 8.44
CA PRO A 719 23.75 3.09 8.21
C PRO A 719 25.12 3.59 8.70
N ASN A 720 25.93 2.65 9.22
CA ASN A 720 27.35 2.88 9.44
C ASN A 720 28.13 2.38 8.21
N GLY A 721 28.22 3.27 7.22
CA GLY A 721 28.98 3.08 5.99
C GLY A 721 28.24 2.19 4.98
N PRO A 722 28.80 1.98 3.76
CA PRO A 722 28.29 0.96 2.82
C PRO A 722 28.08 -0.44 3.39
N ALA A 723 27.10 -1.15 2.81
CA ALA A 723 26.79 -2.53 3.14
C ALA A 723 27.96 -3.42 2.74
N SER A 724 28.31 -4.40 3.60
CA SER A 724 29.36 -5.39 3.34
C SER A 724 28.78 -6.81 3.19
N PRO A 725 29.31 -7.67 2.27
CA PRO A 725 28.77 -9.03 2.06
C PRO A 725 28.69 -9.99 3.26
N VAL A 726 27.78 -10.99 3.18
CA VAL A 726 27.60 -12.01 4.21
C VAL A 726 28.61 -13.13 3.96
N GLU A 727 29.36 -13.51 5.01
CA GLU A 727 30.35 -14.59 4.96
C GLU A 727 29.63 -15.93 4.81
N LEU A 728 30.29 -16.85 4.07
CA LEU A 728 29.70 -18.10 3.62
C LEU A 728 30.74 -19.24 3.75
N PRO A 731 27.74 -24.64 2.67
CA PRO A 731 26.84 -23.83 1.84
C PRO A 731 26.01 -24.59 0.79
N VAL A 732 24.95 -25.30 1.25
CA VAL A 732 24.23 -26.36 0.57
C VAL A 732 23.29 -25.82 -0.54
N VAL A 733 23.36 -26.44 -1.73
CA VAL A 733 22.65 -26.08 -2.95
C VAL A 733 21.78 -27.25 -3.42
N LEU A 734 20.47 -26.99 -3.56
CA LEU A 734 19.49 -27.94 -4.06
C LEU A 734 18.96 -27.50 -5.42
N VAL A 735 19.17 -28.36 -6.43
CA VAL A 735 18.63 -28.20 -7.77
C VAL A 735 17.50 -29.23 -7.95
N THR A 736 16.31 -28.74 -8.35
CA THR A 736 15.17 -29.54 -8.79
C THR A 736 14.96 -29.22 -10.26
N LYS A 737 14.89 -30.24 -11.13
CA LYS A 737 14.85 -30.03 -12.58
C LYS A 737 13.67 -30.81 -13.15
N GLY A 738 12.69 -30.08 -13.69
CA GLY A 738 11.44 -30.65 -14.18
C GLY A 738 11.05 -30.11 -15.56
N LYS A 739 10.06 -30.77 -16.17
CA LYS A 739 9.56 -30.37 -17.48
C LYS A 739 8.71 -29.09 -17.37
N LEU A 740 8.12 -28.81 -16.18
CA LEU A 740 7.22 -27.67 -15.96
C LEU A 740 7.87 -26.55 -15.15
N GLU A 741 8.66 -26.95 -14.13
CA GLU A 741 9.20 -26.09 -13.10
C GLU A 741 10.55 -26.64 -12.66
N SER A 742 11.54 -25.75 -12.60
CA SER A 742 12.85 -26.00 -12.04
C SER A 742 13.17 -24.91 -11.02
N SER A 743 13.78 -25.31 -9.88
CA SER A 743 14.24 -24.41 -8.83
C SER A 743 15.73 -24.60 -8.53
N VAL A 744 16.34 -23.56 -7.92
CA VAL A 744 17.69 -23.55 -7.38
C VAL A 744 17.62 -22.88 -6.01
N SER A 745 17.93 -23.65 -4.96
CA SER A 745 17.66 -23.30 -3.58
C SER A 745 18.91 -23.46 -2.72
N VAL A 746 19.43 -22.31 -2.25
CA VAL A 746 20.60 -22.23 -1.37
C VAL A 746 20.17 -21.78 0.04
N GLY A 747 20.78 -22.42 1.04
CA GLY A 747 20.60 -22.12 2.44
C GLY A 747 21.85 -21.46 3.02
N LEU A 748 21.82 -20.12 3.00
CA LEU A 748 22.80 -19.18 3.56
C LEU A 748 22.40 -18.90 5.01
N PRO A 749 23.25 -18.25 5.88
CA PRO A 749 22.79 -17.85 7.22
C PRO A 749 21.77 -16.74 7.03
N SER A 750 20.58 -16.91 7.66
CA SER A 750 19.42 -16.02 7.67
C SER A 750 18.42 -16.27 6.56
N VAL A 751 18.91 -16.57 5.36
CA VAL A 751 18.10 -16.53 4.15
C VAL A 751 18.19 -17.87 3.44
N VAL A 752 17.02 -18.45 3.16
CA VAL A 752 16.86 -19.54 2.23
C VAL A 752 16.42 -18.94 0.89
N HIS A 753 17.38 -18.84 -0.03
CA HIS A 753 17.21 -18.19 -1.32
C HIS A 753 16.85 -19.24 -2.37
N GLN A 754 15.85 -18.93 -3.21
CA GLN A 754 15.28 -19.84 -4.19
C GLN A 754 15.07 -19.10 -5.52
N THR A 755 15.39 -19.76 -6.64
CA THR A 755 15.09 -19.27 -7.98
C THR A 755 14.28 -20.35 -8.70
N ILE A 756 13.00 -20.05 -8.98
CA ILE A 756 12.02 -20.93 -9.61
C ILE A 756 11.81 -20.49 -11.07
N MET A 757 11.72 -21.47 -11.99
CA MET A 757 11.65 -21.23 -13.42
C MET A 757 10.48 -21.99 -14.05
N ARG A 758 9.59 -21.24 -14.70
CA ARG A 758 8.35 -21.81 -15.20
C ARG A 758 8.19 -21.45 -16.68
N GLY A 759 9.31 -21.14 -17.35
CA GLY A 759 9.31 -20.88 -18.78
C GLY A 759 8.99 -19.43 -19.13
N GLY A 760 9.12 -18.56 -18.12
CA GLY A 760 9.13 -17.12 -18.33
C GLY A 760 10.20 -16.50 -17.43
N ALA A 761 9.95 -15.24 -17.05
CA ALA A 761 10.71 -14.52 -16.05
C ALA A 761 10.72 -15.29 -14.73
N PRO A 762 11.91 -15.58 -14.14
CA PRO A 762 12.00 -16.40 -12.92
C PRO A 762 11.25 -15.77 -11.73
N GLU A 763 11.09 -16.58 -10.68
CA GLU A 763 10.51 -16.18 -9.41
C GLU A 763 11.62 -16.31 -8.38
N ILE A 764 11.76 -15.25 -7.55
CA ILE A 764 12.68 -15.25 -6.43
C ILE A 764 11.87 -15.28 -5.15
N ARG A 765 12.12 -16.32 -4.35
CA ARG A 765 11.57 -16.46 -3.02
C ARG A 765 12.71 -16.47 -2.00
N ASN A 766 12.56 -15.68 -0.93
CA ASN A 766 13.45 -15.76 0.22
C ASN A 766 12.62 -15.98 1.47
N LEU A 767 13.07 -16.96 2.25
CA LEU A 767 12.65 -17.14 3.63
C LEU A 767 13.70 -16.45 4.49
N VAL A 768 13.32 -15.28 5.01
CA VAL A 768 14.25 -14.46 5.76
C VAL A 768 13.98 -14.67 7.24
N ASP A 769 15.05 -15.09 7.94
CA ASP A 769 15.08 -15.13 9.39
C ASP A 769 16.36 -14.51 9.93
N ILE A 770 16.26 -13.22 10.30
CA ILE A 770 17.32 -12.39 10.87
C ILE A 770 17.59 -12.78 12.33
N GLY A 771 16.50 -12.96 13.12
CA GLY A 771 16.38 -13.87 14.24
C GLY A 771 17.27 -13.56 15.44
N SER A 772 18.56 -13.90 15.30
CA SER A 772 19.54 -13.73 16.36
C SER A 772 20.37 -12.47 16.12
N LEU A 773 20.82 -12.33 14.85
CA LEU A 773 21.68 -11.28 14.34
C LEU A 773 21.13 -9.93 14.80
N ASP A 774 21.93 -9.18 15.57
CA ASP A 774 21.48 -7.94 16.19
C ASP A 774 22.20 -6.72 15.61
N ASN A 775 21.42 -5.65 15.46
CA ASN A 775 21.80 -4.37 14.86
C ASN A 775 22.19 -4.56 13.39
N THR A 776 21.34 -5.30 12.65
CA THR A 776 21.63 -5.76 11.29
C THR A 776 20.45 -5.49 10.36
N GLU A 777 20.79 -5.30 9.08
CA GLU A 777 19.86 -5.00 8.00
C GLU A 777 20.31 -5.75 6.75
N ILE A 778 19.48 -6.72 6.29
CA ILE A 778 19.84 -7.68 5.27
C ILE A 778 19.24 -7.25 3.94
N VAL A 779 20.11 -7.01 2.95
CA VAL A 779 19.71 -6.44 1.66
C VAL A 779 20.00 -7.46 0.55
N MET A 780 19.37 -7.28 -0.60
CA MET A 780 19.52 -8.12 -1.77
C MET A 780 19.93 -7.24 -2.94
N ARG A 781 21.19 -7.35 -3.37
CA ARG A 781 21.74 -6.51 -4.43
C ARG A 781 21.74 -7.29 -5.75
N LEU A 782 21.60 -6.55 -6.85
CA LEU A 782 21.69 -7.06 -8.20
C LEU A 782 22.68 -6.18 -8.96
N GLU A 783 23.92 -6.67 -9.07
CA GLU A 783 25.00 -6.05 -9.82
C GLU A 783 24.84 -6.48 -11.28
N THR A 784 24.38 -5.57 -12.15
CA THR A 784 24.37 -5.79 -13.60
C THR A 784 25.35 -4.84 -14.29
N HIS A 785 25.77 -5.20 -15.50
CA HIS A 785 26.63 -4.35 -16.31
C HIS A 785 25.73 -3.41 -17.15
N ILE A 786 24.61 -2.92 -16.59
CA ILE A 786 23.68 -2.01 -17.27
C ILE A 786 24.11 -0.55 -17.04
N ASP A 787 23.99 0.27 -18.09
CA ASP A 787 24.48 1.64 -18.05
C ASP A 787 23.36 2.60 -17.62
N SER A 788 22.77 2.33 -16.45
CA SER A 788 21.72 3.12 -15.81
C SER A 788 22.27 4.48 -15.38
N GLY A 789 23.49 4.45 -14.82
CA GLY A 789 24.18 5.62 -14.29
C GLY A 789 23.60 6.03 -12.95
N ASP A 790 22.97 7.21 -12.96
CA ASP A 790 22.37 7.81 -11.78
C ASP A 790 20.85 7.60 -11.75
N ILE A 791 20.30 6.87 -12.74
CA ILE A 791 18.87 6.73 -12.90
C ILE A 791 18.43 5.35 -12.43
N PHE A 792 17.34 5.38 -11.67
CA PHE A 792 16.50 4.22 -11.39
C PHE A 792 15.03 4.68 -11.32
N TYR A 793 14.09 3.71 -11.32
CA TYR A 793 12.66 4.00 -11.21
C TYR A 793 12.02 3.06 -10.21
N THR A 794 11.38 3.63 -9.19
CA THR A 794 10.58 2.83 -8.26
C THR A 794 9.12 3.16 -8.52
N ASP A 795 8.23 2.36 -7.93
CA ASP A 795 6.80 2.64 -8.03
C ASP A 795 6.29 3.33 -6.76
N LEU A 796 5.05 3.77 -6.85
CA LEU A 796 4.29 4.44 -5.79
C LEU A 796 2.90 3.83 -5.82
N ASN A 797 2.64 3.05 -4.77
CA ASN A 797 1.36 2.46 -4.39
C ASN A 797 0.87 1.44 -5.43
N GLY A 798 1.78 0.92 -6.26
CA GLY A 798 1.48 -0.03 -7.32
C GLY A 798 0.67 0.60 -8.43
N LEU A 799 0.73 1.93 -8.51
CA LEU A 799 -0.07 2.71 -9.43
C LEU A 799 0.79 3.27 -10.57
N GLN A 800 2.02 3.69 -10.23
CA GLN A 800 2.84 4.51 -11.10
C GLN A 800 4.31 4.27 -10.77
N PHE A 801 5.15 4.40 -11.82
CA PHE A 801 6.60 4.36 -11.72
C PHE A 801 7.15 5.77 -11.94
N ILE A 802 7.96 6.20 -10.96
CA ILE A 802 8.57 7.54 -10.89
C ILE A 802 10.08 7.39 -11.04
N LYS A 803 10.70 8.33 -11.79
CA LYS A 803 12.15 8.41 -11.95
C LYS A 803 12.79 8.87 -10.65
N ARG A 804 13.91 8.21 -10.30
CA ARG A 804 14.75 8.59 -9.17
C ARG A 804 16.17 8.81 -9.68
N ARG A 805 16.69 10.01 -9.40
CA ARG A 805 18.10 10.32 -9.51
C ARG A 805 18.75 10.15 -8.15
N ARG A 806 19.70 9.22 -8.08
CA ARG A 806 20.64 9.10 -6.97
C ARG A 806 21.56 10.32 -6.99
N LEU A 807 21.78 10.86 -5.78
CA LEU A 807 22.34 12.18 -5.55
C LEU A 807 23.51 12.05 -4.60
N ASP A 808 24.71 12.40 -5.13
CA ASP A 808 26.01 12.23 -4.48
C ASP A 808 26.04 13.04 -3.18
N LYS A 809 25.43 14.24 -3.24
CA LYS A 809 25.27 15.21 -2.15
C LYS A 809 24.53 14.60 -0.95
N LEU A 810 23.39 13.96 -1.22
CA LEU A 810 22.53 13.41 -0.20
C LEU A 810 23.17 12.14 0.35
N PRO A 811 22.97 11.80 1.64
CA PRO A 811 23.56 10.57 2.20
C PRO A 811 22.87 9.31 1.69
N LEU A 812 23.36 8.13 2.12
CA LEU A 812 22.95 6.85 1.58
C LEU A 812 21.44 6.67 1.72
N GLN A 813 20.96 6.68 2.98
CA GLN A 813 19.59 6.47 3.40
C GLN A 813 18.61 7.44 2.74
N ALA A 814 19.13 8.54 2.20
CA ALA A 814 18.32 9.49 1.43
C ALA A 814 17.94 8.92 0.05
N ASN A 815 18.71 7.94 -0.45
CA ASN A 815 18.56 7.41 -1.80
C ASN A 815 17.62 6.20 -1.83
N TYR A 816 17.31 5.67 -0.63
CA TYR A 816 16.30 4.65 -0.40
C TYR A 816 14.89 5.23 -0.55
N TYR A 817 14.09 4.54 -1.38
CA TYR A 817 12.70 4.90 -1.65
C TYR A 817 11.80 3.73 -1.26
N PRO A 818 10.45 3.94 -1.11
CA PRO A 818 9.53 2.81 -1.08
C PRO A 818 9.55 2.07 -2.41
N ILE A 819 9.58 0.73 -2.29
CA ILE A 819 9.31 -0.22 -3.36
C ILE A 819 8.04 -0.98 -2.97
N PRO A 820 6.81 -0.39 -3.16
CA PRO A 820 5.56 -1.08 -2.85
C PRO A 820 5.19 -2.28 -3.71
N SER A 821 5.69 -2.28 -4.96
CA SER A 821 5.35 -3.30 -5.94
C SER A 821 6.48 -3.61 -6.93
N GLY A 822 7.28 -2.59 -7.32
CA GLY A 822 8.31 -2.71 -8.35
C GLY A 822 9.35 -1.59 -8.41
N MET A 823 10.51 -1.92 -9.00
CA MET A 823 11.58 -1.00 -9.36
C MET A 823 12.27 -1.48 -10.64
N PHE A 824 12.88 -0.55 -11.40
CA PHE A 824 13.66 -0.89 -12.57
C PHE A 824 14.75 0.13 -12.92
N ILE A 825 15.88 -0.42 -13.39
CA ILE A 825 16.98 0.28 -14.05
C ILE A 825 16.95 -0.08 -15.54
N GLU A 826 17.44 0.83 -16.39
CA GLU A 826 17.54 0.61 -17.83
C GLU A 826 18.67 1.41 -18.46
N ASP A 827 19.32 0.83 -19.49
CA ASP A 827 20.11 1.60 -20.44
C ASP A 827 19.34 1.76 -21.75
N ALA A 828 20.07 2.09 -22.82
CA ALA A 828 19.51 2.39 -24.12
C ALA A 828 19.03 1.11 -24.81
N ASN A 829 19.58 -0.04 -24.37
CA ASN A 829 19.34 -1.33 -25.01
C ASN A 829 18.58 -2.30 -24.10
N THR A 830 18.91 -2.27 -22.79
CA THR A 830 18.50 -3.24 -21.78
C THR A 830 17.65 -2.57 -20.68
N ARG A 831 16.87 -3.40 -19.97
CA ARG A 831 16.16 -3.13 -18.73
C ARG A 831 16.22 -4.37 -17.84
N LEU A 832 16.23 -4.13 -16.53
CA LEU A 832 16.03 -5.17 -15.55
C LEU A 832 15.03 -4.66 -14.51
N THR A 833 13.85 -5.29 -14.46
CA THR A 833 12.77 -4.99 -13.52
C THR A 833 12.72 -6.07 -12.45
N LEU A 834 12.63 -5.66 -11.17
CA LEU A 834 12.30 -6.56 -10.06
C LEU A 834 10.94 -6.17 -9.45
N LEU A 835 9.94 -7.05 -9.65
CA LEU A 835 8.64 -6.94 -8.99
C LEU A 835 8.68 -7.67 -7.65
N THR A 836 7.94 -7.11 -6.68
CA THR A 836 7.79 -7.60 -5.31
C THR A 836 6.32 -7.96 -5.10
N GLY A 837 6.10 -8.80 -4.06
CA GLY A 837 4.78 -9.16 -3.59
C GLY A 837 4.46 -8.53 -2.24
N GLN A 838 5.35 -7.62 -1.78
CA GLN A 838 5.37 -7.05 -0.45
C GLN A 838 6.15 -5.75 -0.55
N PRO A 839 5.72 -4.64 0.11
CA PRO A 839 6.45 -3.38 0.02
C PRO A 839 7.73 -3.46 0.88
N LEU A 840 8.86 -3.09 0.27
CA LEU A 840 10.16 -2.99 0.93
C LEU A 840 10.89 -1.70 0.53
N GLY A 841 12.03 -1.43 1.21
CA GLY A 841 12.90 -0.32 0.82
C GLY A 841 13.97 -0.73 -0.21
N GLY A 842 14.35 0.21 -1.10
CA GLY A 842 15.35 -0.06 -2.13
C GLY A 842 15.94 1.17 -2.80
N SER A 843 17.03 0.94 -3.54
CA SER A 843 17.77 1.95 -4.30
C SER A 843 18.65 1.29 -5.35
N SER A 844 19.00 2.08 -6.38
CA SER A 844 20.09 1.83 -7.29
C SER A 844 21.27 2.68 -6.83
N LEU A 845 22.06 2.13 -5.90
CA LEU A 845 23.19 2.86 -5.32
C LEU A 845 24.37 3.00 -6.31
N ALA A 846 24.44 2.16 -7.36
CA ALA A 846 25.44 2.31 -8.40
C ALA A 846 24.80 2.27 -9.78
N SER A 847 25.62 2.54 -10.81
CA SER A 847 25.28 2.22 -12.19
C SER A 847 25.14 0.71 -12.33
N GLY A 848 23.92 0.26 -12.66
CA GLY A 848 23.61 -1.15 -12.90
C GLY A 848 23.25 -1.96 -11.64
N GLU A 849 23.04 -1.27 -10.51
CA GLU A 849 22.53 -1.92 -9.31
C GLU A 849 21.01 -1.77 -9.18
N LEU A 850 20.41 -2.78 -8.51
CA LEU A 850 19.14 -2.71 -7.79
C LEU A 850 19.41 -3.36 -6.43
N GLU A 851 18.87 -2.79 -5.36
CA GLU A 851 18.93 -3.46 -4.07
C GLU A 851 17.61 -3.24 -3.39
N ILE A 852 17.38 -4.05 -2.34
CA ILE A 852 16.09 -4.13 -1.66
C ILE A 852 16.26 -4.84 -0.33
N MET A 853 15.82 -4.15 0.73
CA MET A 853 15.98 -4.61 2.10
C MET A 853 15.01 -5.76 2.38
N GLN A 854 15.48 -6.71 3.19
CA GLN A 854 14.75 -7.93 3.44
C GLN A 854 14.17 -7.87 4.85
N ASP A 855 15.05 -7.73 5.86
CA ASP A 855 14.63 -7.47 7.23
C ASP A 855 15.68 -6.61 7.94
N ARG A 856 15.31 -6.11 9.13
CA ARG A 856 16.08 -5.24 9.99
C ARG A 856 15.75 -5.52 11.45
N ARG A 857 16.80 -5.75 12.25
CA ARG A 857 16.74 -5.94 13.69
C ARG A 857 17.58 -4.85 14.35
N LEU A 858 16.98 -4.12 15.30
CA LEU A 858 17.55 -2.88 15.83
C LEU A 858 17.25 -2.75 17.32
N ALA A 859 18.31 -2.54 18.11
CA ALA A 859 18.23 -2.40 19.56
C ALA A 859 17.91 -0.96 19.99
N SER A 860 18.40 0.03 19.20
CA SER A 860 18.29 1.46 19.49
C SER A 860 16.96 2.01 18.99
N ASP A 861 16.28 2.83 19.83
CA ASP A 861 15.10 3.59 19.44
C ASP A 861 15.53 4.78 18.59
N ASP A 862 14.61 5.23 17.72
CA ASP A 862 14.78 6.37 16.84
C ASP A 862 14.59 7.68 17.60
N GLU A 863 13.91 7.59 18.76
CA GLU A 863 13.41 8.72 19.55
C GLU A 863 12.43 9.54 18.71
N ARG A 864 11.42 8.86 18.12
CA ARG A 864 10.30 9.50 17.45
C ARG A 864 9.00 9.25 18.22
N GLY A 865 9.12 8.49 19.32
CA GLY A 865 8.09 8.33 20.33
C GLY A 865 7.73 6.88 20.65
N LEU A 866 8.46 5.92 20.06
CA LEU A 866 8.16 4.50 20.19
C LEU A 866 8.60 3.97 21.55
N GLY A 867 9.90 4.11 21.87
CA GLY A 867 10.51 3.61 23.10
C GLY A 867 11.35 2.35 22.88
N GLN A 868 11.11 1.69 21.74
CA GLN A 868 11.72 0.45 21.30
C GLN A 868 12.35 0.65 19.91
N GLY A 869 13.21 -0.31 19.52
CA GLY A 869 13.69 -0.46 18.15
C GLY A 869 12.80 -1.45 17.40
N VAL A 870 13.45 -2.50 16.86
CA VAL A 870 12.78 -3.64 16.26
C VAL A 870 13.51 -4.88 16.77
N LEU A 871 12.84 -5.62 17.68
CA LEU A 871 13.39 -6.81 18.33
C LEU A 871 12.37 -7.96 18.35
N ASP A 872 11.44 -7.96 17.37
CA ASP A 872 10.27 -8.82 17.40
C ASP A 872 10.11 -9.61 16.09
N ASN A 873 11.18 -9.69 15.28
CA ASN A 873 11.19 -10.22 13.93
C ASN A 873 10.80 -11.70 13.92
N LYS A 874 10.02 -12.07 12.90
CA LYS A 874 9.60 -13.44 12.62
C LYS A 874 10.11 -13.85 11.23
N PRO A 875 10.21 -15.15 10.89
CA PRO A 875 10.46 -15.56 9.50
C PRO A 875 9.39 -15.06 8.52
N VAL A 876 9.84 -14.57 7.35
CA VAL A 876 8.94 -14.11 6.31
C VAL A 876 9.40 -14.68 4.96
N LEU A 877 8.42 -15.14 4.18
CA LEU A 877 8.64 -15.52 2.79
C LEU A 877 8.27 -14.34 1.90
N HIS A 878 9.33 -13.70 1.38
CA HIS A 878 9.25 -12.69 0.34
C HIS A 878 9.30 -13.37 -1.02
N ILE A 879 8.53 -12.78 -1.95
CA ILE A 879 8.38 -13.23 -3.32
C ILE A 879 8.66 -12.07 -4.26
N TYR A 880 9.23 -12.42 -5.42
CA TYR A 880 9.70 -11.49 -6.44
C TYR A 880 9.49 -12.11 -7.83
N ARG A 881 9.57 -11.25 -8.86
CA ARG A 881 9.78 -11.64 -10.24
C ARG A 881 10.93 -10.82 -10.79
N LEU A 882 11.61 -11.32 -11.84
CA LEU A 882 12.82 -10.68 -12.38
C LEU A 882 12.77 -10.69 -13.90
N VAL A 883 12.57 -9.51 -14.47
CA VAL A 883 12.36 -9.38 -15.91
C VAL A 883 13.53 -8.60 -16.51
N LEU A 884 14.47 -9.35 -17.14
CA LEU A 884 15.44 -8.82 -18.08
C LEU A 884 14.79 -8.76 -19.47
N GLU A 885 15.03 -7.66 -20.21
CA GLU A 885 14.32 -7.38 -21.46
C GLU A 885 15.19 -6.49 -22.35
N LYS A 886 14.95 -6.57 -23.66
CA LYS A 886 15.60 -5.69 -24.62
C LYS A 886 14.58 -4.62 -25.04
N VAL A 887 15.01 -3.35 -24.95
CA VAL A 887 14.10 -2.21 -24.93
C VAL A 887 14.38 -1.22 -26.07
N ASN A 888 15.37 -1.53 -26.92
CA ASN A 888 15.82 -0.64 -27.98
C ASN A 888 14.73 -0.35 -29.02
N ASN A 889 13.83 -1.32 -29.29
CA ASN A 889 12.74 -1.10 -30.24
C ASN A 889 11.42 -0.80 -29.52
N CYS A 890 11.53 -0.38 -28.24
CA CYS A 890 10.40 0.10 -27.47
C CYS A 890 10.26 1.61 -27.63
N VAL A 891 9.01 2.06 -27.82
CA VAL A 891 8.59 3.46 -27.85
C VAL A 891 8.81 4.02 -26.44
N ARG A 892 9.95 4.71 -26.25
CA ARG A 892 10.42 5.13 -24.95
C ARG A 892 10.10 6.60 -24.68
N PRO A 893 9.76 6.98 -23.41
CA PRO A 893 9.59 8.39 -23.06
C PRO A 893 10.89 9.19 -23.14
N SER A 894 10.74 10.51 -23.40
CA SER A 894 11.77 11.56 -23.38
C SER A 894 12.65 11.48 -22.13
N GLU A 895 13.93 11.90 -22.27
CA GLU A 895 14.86 12.00 -21.15
C GLU A 895 14.29 12.89 -20.04
N LEU A 896 13.46 13.87 -20.44
CA LEU A 896 12.88 14.87 -19.57
C LEU A 896 11.75 14.29 -18.71
N HIS A 897 11.04 13.27 -19.22
CA HIS A 897 9.82 12.73 -18.61
C HIS A 897 10.13 12.15 -17.23
N PRO A 898 9.36 12.53 -16.17
CA PRO A 898 9.63 12.07 -14.79
C PRO A 898 9.14 10.68 -14.36
N ALA A 899 8.42 10.03 -15.29
CA ALA A 899 7.79 8.73 -15.16
C ALA A 899 8.51 7.63 -15.94
N GLY A 900 8.26 6.39 -15.50
CA GLY A 900 8.52 5.16 -16.23
C GLY A 900 7.23 4.36 -16.43
N TYR A 901 7.29 3.38 -17.34
CA TYR A 901 6.18 2.50 -17.63
C TYR A 901 6.71 1.10 -17.92
N LEU A 902 6.03 0.11 -17.33
CA LEU A 902 6.40 -1.29 -17.49
C LEU A 902 6.05 -1.78 -18.89
N THR A 903 6.67 -2.91 -19.28
CA THR A 903 6.29 -3.70 -20.45
C THR A 903 5.20 -4.71 -20.06
N SER A 904 4.58 -5.35 -21.07
CA SER A 904 3.66 -6.48 -20.90
C SER A 904 4.24 -7.43 -19.87
N ALA A 905 5.45 -7.95 -20.17
CA ALA A 905 6.13 -8.96 -19.38
C ALA A 905 6.18 -8.52 -17.92
N ALA A 906 6.70 -7.32 -17.66
CA ALA A 906 6.88 -6.79 -16.31
C ALA A 906 5.53 -6.63 -15.60
N HIS A 907 4.55 -6.07 -16.30
CA HIS A 907 3.20 -5.83 -15.81
C HIS A 907 2.49 -7.13 -15.40
N LYS A 908 2.53 -8.15 -16.28
CA LYS A 908 1.91 -9.46 -16.03
C LYS A 908 2.63 -10.13 -14.86
N ALA A 909 3.96 -9.91 -14.75
CA ALA A 909 4.74 -10.49 -13.67
C ALA A 909 4.26 -9.96 -12.32
N SER A 910 3.87 -8.67 -12.30
CA SER A 910 3.34 -8.03 -11.11
C SER A 910 1.98 -8.61 -10.74
N GLN A 911 1.08 -8.65 -11.74
CA GLN A 911 -0.25 -9.23 -11.58
C GLN A 911 -0.10 -10.64 -11.01
N SER A 912 0.91 -11.39 -11.51
CA SER A 912 1.20 -12.75 -11.09
C SER A 912 1.60 -12.80 -9.61
N LEU A 913 2.17 -11.71 -9.08
CA LEU A 913 2.64 -11.69 -7.71
C LEU A 913 1.51 -11.30 -6.75
N LEU A 914 0.76 -10.28 -7.14
CA LEU A 914 -0.12 -9.58 -6.22
C LEU A 914 -1.50 -10.23 -6.24
N ASP A 915 -1.90 -10.69 -7.44
CA ASP A 915 -3.18 -11.37 -7.66
C ASP A 915 -2.94 -12.74 -8.30
N PRO A 916 -2.45 -13.78 -7.56
CA PRO A 916 -2.27 -15.11 -8.14
C PRO A 916 -3.63 -15.81 -8.33
N LEU A 917 -3.60 -17.05 -8.88
CA LEU A 917 -4.80 -17.88 -8.94
C LEU A 917 -5.14 -18.34 -7.53
N ASP A 918 -6.43 -18.29 -7.22
CA ASP A 918 -6.92 -18.84 -5.97
C ASP A 918 -7.12 -20.34 -6.16
N LYS A 919 -6.66 -21.12 -5.16
CA LYS A 919 -6.80 -22.55 -5.22
C LYS A 919 -7.73 -23.00 -4.10
N PHE A 920 -8.69 -23.86 -4.48
CA PHE A 920 -9.74 -24.40 -3.63
C PHE A 920 -9.72 -25.92 -3.79
N ILE A 921 -9.69 -26.62 -2.65
CA ILE A 921 -9.77 -28.08 -2.58
C ILE A 921 -11.16 -28.42 -2.05
N PHE A 922 -11.84 -29.39 -2.70
CA PHE A 922 -13.18 -29.81 -2.29
C PHE A 922 -13.05 -30.63 -1.00
N ALA A 923 -13.87 -30.25 -0.01
CA ALA A 923 -13.69 -30.70 1.37
C ALA A 923 -14.21 -32.13 1.58
N GLU A 924 -15.38 -32.45 0.99
CA GLU A 924 -16.04 -33.74 1.16
C GLU A 924 -15.59 -34.70 0.05
N ASN A 925 -16.23 -35.88 0.02
CA ASN A 925 -15.79 -37.03 -0.77
C ASN A 925 -16.37 -36.99 -2.18
N GLU A 926 -17.65 -36.64 -2.30
CA GLU A 926 -18.33 -36.58 -3.59
C GLU A 926 -18.94 -35.20 -3.76
N TRP A 927 -18.76 -34.65 -4.97
CA TRP A 927 -19.39 -33.39 -5.34
C TRP A 927 -20.46 -33.67 -6.39
N ILE A 928 -21.69 -33.91 -5.90
CA ILE A 928 -22.87 -34.01 -6.74
C ILE A 928 -23.20 -32.62 -7.29
N GLY A 929 -23.29 -32.54 -8.62
CA GLY A 929 -23.75 -31.37 -9.33
C GLY A 929 -22.60 -30.52 -9.89
N ALA A 930 -21.37 -30.99 -9.64
CA ALA A 930 -20.13 -30.34 -10.05
C ALA A 930 -20.24 -29.91 -11.51
N GLN A 931 -19.96 -28.63 -11.79
CA GLN A 931 -19.79 -28.12 -13.13
C GLN A 931 -18.30 -27.87 -13.38
N GLY A 932 -17.92 -27.74 -14.65
CA GLY A 932 -16.51 -27.72 -15.05
C GLY A 932 -15.88 -26.34 -14.91
N GLN A 933 -16.71 -25.30 -15.14
CA GLN A 933 -16.25 -23.95 -15.47
C GLN A 933 -17.30 -22.90 -15.08
N PHE A 934 -16.79 -21.70 -14.79
CA PHE A 934 -17.62 -20.51 -14.65
C PHE A 934 -16.99 -19.34 -15.41
N GLY A 935 -17.84 -18.63 -16.17
CA GLY A 935 -17.48 -17.43 -16.89
C GLY A 935 -16.64 -17.66 -18.15
N GLY A 936 -16.94 -18.70 -18.95
CA GLY A 936 -16.34 -18.85 -20.28
C GLY A 936 -16.93 -17.87 -21.31
N ASP A 937 -18.08 -17.29 -20.97
CA ASP A 937 -18.83 -16.31 -21.74
C ASP A 937 -18.29 -14.90 -21.47
N HIS A 938 -17.39 -14.76 -20.48
CA HIS A 938 -16.92 -13.46 -19.95
C HIS A 938 -15.94 -12.81 -20.92
N PRO A 939 -16.06 -11.48 -21.16
CA PRO A 939 -15.19 -10.80 -22.11
C PRO A 939 -13.78 -10.81 -21.54
N SER A 940 -12.81 -10.96 -22.43
CA SER A 940 -11.41 -11.03 -22.07
C SER A 940 -10.78 -9.74 -22.54
N ALA A 941 -10.65 -8.81 -21.56
CA ALA A 941 -10.26 -7.41 -21.73
C ALA A 941 -8.76 -7.28 -21.97
N ARG A 942 -8.38 -6.22 -22.72
CA ARG A 942 -7.01 -5.81 -23.03
C ARG A 942 -6.16 -5.86 -21.75
N GLU A 943 -4.94 -6.39 -21.86
CA GLU A 943 -4.11 -6.84 -20.74
C GLU A 943 -3.77 -5.71 -19.75
N ASP A 944 -3.90 -4.47 -20.24
CA ASP A 944 -3.54 -3.22 -19.59
C ASP A 944 -4.72 -2.68 -18.78
N LEU A 945 -5.89 -3.34 -18.91
CA LEU A 945 -7.09 -3.04 -18.14
C LEU A 945 -7.20 -4.07 -17.00
N ASP A 946 -7.78 -3.61 -15.89
CA ASP A 946 -7.99 -4.39 -14.68
C ASP A 946 -9.30 -3.95 -14.02
N VAL A 947 -10.11 -4.92 -13.59
CA VAL A 947 -11.25 -4.68 -12.72
C VAL A 947 -10.72 -4.76 -11.28
N SER A 948 -10.37 -3.58 -10.76
CA SER A 948 -9.66 -3.48 -9.51
C SER A 948 -10.59 -3.86 -8.36
N VAL A 949 -11.87 -3.46 -8.51
CA VAL A 949 -12.90 -3.82 -7.56
C VAL A 949 -14.14 -4.25 -8.35
N MET A 950 -14.75 -5.35 -7.90
CA MET A 950 -16.16 -5.64 -8.10
C MET A 950 -16.81 -5.82 -6.73
N ARG A 951 -17.88 -5.07 -6.47
CA ARG A 951 -18.55 -5.11 -5.17
C ARG A 951 -20.05 -4.89 -5.35
N ARG A 952 -20.84 -5.81 -4.79
CA ARG A 952 -22.28 -5.60 -4.71
C ARG A 952 -22.51 -4.57 -3.63
N LEU A 953 -23.36 -3.60 -3.96
CA LEU A 953 -23.60 -2.45 -3.09
C LEU A 953 -24.93 -2.61 -2.35
N THR A 954 -25.68 -3.68 -2.64
CA THR A 954 -27.05 -3.83 -2.16
C THR A 954 -27.19 -5.18 -1.47
N LYS A 955 -28.06 -5.22 -0.45
CA LYS A 955 -28.49 -6.45 0.18
C LYS A 955 -29.63 -7.06 -0.63
N SER A 956 -30.02 -8.31 -0.30
CA SER A 956 -31.04 -9.03 -1.07
C SER A 956 -32.40 -8.35 -0.94
N SER A 957 -32.72 -7.89 0.28
CA SER A 957 -34.03 -7.33 0.62
C SER A 957 -34.22 -5.94 0.01
N ALA A 958 -33.49 -5.64 -1.08
CA ALA A 958 -33.55 -4.39 -1.82
C ALA A 958 -34.12 -4.64 -3.21
N LYS A 959 -35.08 -3.77 -3.53
CA LYS A 959 -35.80 -3.64 -4.79
C LYS A 959 -34.85 -3.76 -5.98
N THR A 960 -33.90 -2.82 -6.07
CA THR A 960 -32.94 -2.82 -7.17
C THR A 960 -31.57 -3.22 -6.64
N GLN A 961 -31.01 -4.21 -7.33
CA GLN A 961 -29.65 -4.66 -7.07
C GLN A 961 -28.68 -3.74 -7.78
N ARG A 962 -27.61 -3.38 -7.06
CA ARG A 962 -26.59 -2.49 -7.59
C ARG A 962 -25.23 -3.13 -7.36
N VAL A 963 -24.37 -2.96 -8.37
CA VAL A 963 -23.04 -3.56 -8.37
C VAL A 963 -22.07 -2.54 -8.91
N GLY A 964 -21.09 -2.18 -8.06
CA GLY A 964 -20.05 -1.24 -8.41
C GLY A 964 -18.80 -1.96 -8.94
N TYR A 965 -18.15 -1.31 -9.91
CA TYR A 965 -16.90 -1.73 -10.51
C TYR A 965 -15.93 -0.56 -10.48
N VAL A 966 -14.67 -0.86 -10.16
CA VAL A 966 -13.56 0.06 -10.38
C VAL A 966 -12.64 -0.54 -11.45
N LEU A 967 -12.46 0.22 -12.53
CA LEU A 967 -11.59 -0.14 -13.64
C LEU A 967 -10.34 0.74 -13.65
N HIS A 968 -9.16 0.10 -13.58
CA HIS A 968 -7.91 0.85 -13.74
C HIS A 968 -7.22 0.40 -15.02
N ARG A 969 -6.83 1.37 -15.86
CA ARG A 969 -6.04 1.14 -17.07
C ARG A 969 -4.62 1.66 -16.83
N THR A 970 -3.64 0.75 -16.73
CA THR A 970 -2.21 1.08 -16.68
C THR A 970 -1.76 1.57 -18.06
N ASN A 971 -0.48 1.93 -18.16
CA ASN A 971 0.15 2.24 -19.43
C ASN A 971 1.46 1.47 -19.53
N LEU A 972 1.59 0.78 -20.66
CA LEU A 972 2.75 -0.05 -20.92
C LEU A 972 3.43 0.44 -22.19
N MET A 973 4.73 0.13 -22.28
CA MET A 973 5.51 0.40 -23.49
C MET A 973 5.02 -0.48 -24.63
N GLN A 974 4.56 0.19 -25.72
CA GLN A 974 4.46 -0.39 -27.05
C GLN A 974 5.87 -0.82 -27.44
N CYS A 975 6.04 -2.11 -27.78
CA CYS A 975 7.33 -2.70 -28.16
C CYS A 975 7.22 -3.57 -29.41
N GLY A 976 6.14 -3.42 -30.19
CA GLY A 976 5.82 -4.28 -31.32
C GLY A 976 4.93 -5.45 -30.87
N THR A 977 5.49 -6.26 -29.95
CA THR A 977 4.87 -7.11 -28.93
C THR A 977 3.37 -7.29 -29.14
N GLU A 979 -1.43 -7.36 -28.39
CA GLU A 979 -1.37 -7.12 -29.86
C GLU A 979 -2.19 -8.20 -30.59
N GLU A 980 -2.37 -9.35 -29.95
CA GLU A 980 -3.40 -10.32 -30.32
C GLU A 980 -4.74 -9.82 -29.80
N HIS A 981 -5.76 -9.84 -30.69
CA HIS A 981 -7.08 -9.24 -30.48
C HIS A 981 -7.76 -9.80 -29.22
N THR A 982 -8.50 -8.92 -28.52
CA THR A 982 -9.20 -9.20 -27.27
C THR A 982 -10.53 -8.45 -27.22
N GLN A 983 -11.53 -9.04 -26.53
CA GLN A 983 -12.90 -8.55 -26.46
C GLN A 983 -12.99 -7.32 -25.54
N LYS A 984 -13.70 -6.28 -26.01
CA LYS A 984 -14.02 -5.09 -25.23
C LYS A 984 -14.92 -5.50 -24.07
N LEU A 985 -14.62 -4.94 -22.89
CA LEU A 985 -15.37 -5.25 -21.67
C LEU A 985 -16.20 -4.04 -21.27
N ASP A 986 -17.51 -4.27 -21.10
CA ASP A 986 -18.43 -3.25 -20.65
C ASP A 986 -19.07 -3.76 -19.37
N VAL A 987 -18.57 -3.25 -18.24
CA VAL A 987 -18.83 -3.82 -16.91
C VAL A 987 -20.30 -3.67 -16.54
N CYS A 988 -21.02 -2.82 -17.30
CA CYS A 988 -22.43 -2.53 -17.08
C CYS A 988 -23.29 -3.76 -17.38
N HIS A 989 -22.79 -4.61 -18.32
CA HIS A 989 -23.48 -5.78 -18.88
C HIS A 989 -22.86 -7.11 -18.43
N LEU A 990 -22.06 -7.11 -17.35
CA LEU A 990 -21.49 -8.33 -16.78
C LEU A 990 -22.54 -9.10 -15.99
N LEU A 991 -23.57 -8.39 -15.52
CA LEU A 991 -24.69 -9.05 -14.92
C LEU A 991 -25.95 -8.76 -15.74
N PRO A 992 -26.94 -9.69 -15.82
CA PRO A 992 -28.09 -9.48 -16.69
C PRO A 992 -29.07 -8.50 -16.07
N ASN A 993 -30.10 -8.14 -16.86
CA ASN A 993 -31.24 -7.29 -16.49
C ASN A 993 -30.81 -5.87 -16.16
N VAL A 994 -29.73 -5.38 -16.80
CA VAL A 994 -29.27 -4.02 -16.57
C VAL A 994 -30.38 -3.04 -16.99
N ALA A 995 -30.66 -2.07 -16.10
CA ALA A 995 -31.76 -1.14 -16.21
C ALA A 995 -31.30 0.33 -16.04
N ARG A 996 -30.03 0.52 -15.63
CA ARG A 996 -29.35 1.77 -15.29
C ARG A 996 -27.87 1.47 -15.13
N CYS A 997 -27.02 2.25 -15.81
CA CYS A 997 -25.60 2.31 -15.54
C CYS A 997 -25.15 3.78 -15.45
N GLU A 998 -24.93 4.26 -14.21
CA GLU A 998 -24.39 5.60 -13.90
C GLU A 998 -22.86 5.38 -13.77
N ARG A 999 -22.02 6.36 -14.17
CA ARG A 999 -20.58 6.39 -13.87
C ARG A 999 -20.35 7.26 -12.63
N THR A 1000 -19.55 6.75 -11.68
CA THR A 1000 -19.45 7.30 -10.33
C THR A 1000 -18.01 7.70 -9.99
N THR A 1001 -17.90 8.47 -8.90
CA THR A 1001 -16.73 8.57 -8.02
C THR A 1001 -16.23 7.17 -7.66
N LEU A 1002 -14.92 7.08 -7.35
CA LEU A 1002 -14.24 5.83 -7.04
C LEU A 1002 -14.72 5.20 -5.74
N THR A 1003 -15.40 5.98 -4.90
CA THR A 1003 -16.03 5.49 -3.68
C THR A 1003 -17.45 5.01 -3.95
N PHE A 1004 -17.97 5.29 -5.16
CA PHE A 1004 -19.29 4.89 -5.63
C PHE A 1004 -20.36 5.77 -4.99
N LEU A 1005 -20.00 6.97 -4.51
CA LEU A 1005 -20.91 7.70 -3.64
C LEU A 1005 -21.59 8.85 -4.37
N GLN A 1006 -21.17 9.13 -5.61
CA GLN A 1006 -21.71 10.24 -6.38
C GLN A 1006 -21.71 9.85 -7.86
N ASN A 1007 -22.85 10.06 -8.54
CA ASN A 1007 -22.91 9.79 -9.96
C ASN A 1007 -22.33 10.99 -10.71
N LEU A 1008 -21.32 10.71 -11.53
CA LEU A 1008 -20.67 11.68 -12.40
C LEU A 1008 -21.33 11.72 -13.79
N GLU A 1009 -21.90 10.60 -14.26
CA GLU A 1009 -22.40 10.51 -15.62
C GLU A 1009 -23.53 9.49 -15.75
N HIS A 1010 -24.58 9.90 -16.43
CA HIS A 1010 -25.59 8.98 -16.91
C HIS A 1010 -25.09 8.44 -18.25
N LEU A 1011 -24.97 7.12 -18.31
CA LEU A 1011 -24.57 6.44 -19.53
C LEU A 1011 -25.85 5.96 -20.21
N ASP A 1012 -26.10 6.50 -21.41
CA ASP A 1012 -27.21 6.10 -22.27
C ASP A 1012 -26.82 4.81 -22.97
N GLY A 1013 -27.78 3.88 -23.06
CA GLY A 1013 -27.50 2.56 -23.62
C GLY A 1013 -26.78 1.63 -22.63
N MET A 1014 -26.50 2.14 -21.42
CA MET A 1014 -25.86 1.46 -20.30
C MET A 1014 -24.60 0.73 -20.75
N VAL A 1015 -23.74 1.48 -21.46
CA VAL A 1015 -22.45 0.99 -21.87
C VAL A 1015 -21.40 1.88 -21.19
N ALA A 1016 -20.48 1.25 -20.47
CA ALA A 1016 -19.31 1.88 -19.84
C ALA A 1016 -18.24 2.16 -20.90
N PRO A 1017 -17.90 3.44 -21.20
CA PRO A 1017 -16.80 3.77 -22.12
C PRO A 1017 -15.41 3.24 -21.73
N GLU A 1018 -14.53 3.21 -22.74
CA GLU A 1018 -13.15 2.78 -22.57
C GLU A 1018 -12.46 3.74 -21.61
N VAL A 1019 -11.68 3.21 -20.67
CA VAL A 1019 -10.87 4.01 -19.77
C VAL A 1019 -9.54 4.30 -20.47
N CYS A 1020 -9.06 5.55 -20.35
CA CYS A 1020 -7.84 6.04 -20.99
C CYS A 1020 -6.62 5.47 -20.25
N PRO A 1021 -5.41 5.37 -20.86
CA PRO A 1021 -4.24 4.85 -20.13
C PRO A 1021 -3.88 5.82 -19.02
N MET A 1022 -3.67 5.25 -17.82
CA MET A 1022 -3.33 5.90 -16.55
C MET A 1022 -4.56 6.44 -15.80
N GLU A 1023 -5.77 6.31 -16.39
CA GLU A 1023 -7.03 6.75 -15.80
C GLU A 1023 -7.66 5.62 -14.98
N THR A 1024 -8.55 5.98 -14.03
CA THR A 1024 -9.24 5.03 -13.18
C THR A 1024 -10.68 5.49 -13.06
N ALA A 1025 -11.60 4.71 -13.63
CA ALA A 1025 -13.01 5.06 -13.56
C ALA A 1025 -13.72 4.10 -12.61
N ALA A 1026 -14.90 4.52 -12.16
CA ALA A 1026 -15.79 3.62 -11.45
C ALA A 1026 -17.20 3.81 -11.98
N TYR A 1027 -17.88 2.66 -12.17
CA TYR A 1027 -19.23 2.56 -12.69
C TYR A 1027 -20.06 1.72 -11.73
N VAL A 1028 -21.33 2.09 -11.61
CA VAL A 1028 -22.35 1.33 -10.88
C VAL A 1028 -23.48 0.98 -11.86
N SER A 1029 -23.74 -0.35 -12.00
CA SER A 1029 -24.82 -0.94 -12.79
C SER A 1029 -25.98 -1.38 -11.89
N SER A 1030 -27.21 -1.02 -12.31
CA SER A 1030 -28.45 -1.36 -11.63
C SER A 1030 -29.17 -2.46 -12.39
N HIS A 1031 -29.81 -3.37 -11.65
CA HIS A 1031 -30.36 -4.62 -12.19
C HIS A 1031 -31.80 -4.82 -11.71
N SER A 1032 -32.56 -5.63 -12.47
CA SER A 1032 -34.00 -5.83 -12.31
C SER A 1032 -34.32 -7.34 -12.40
#